data_6A89
#
_entry.id   6A89
#
_cell.length_a   89.500
_cell.length_b   101.370
_cell.length_c   163.040
_cell.angle_alpha   90.00
_cell.angle_beta   90.00
_cell.angle_gamma   90.00
#
_symmetry.space_group_name_H-M   'I 2 2 2'
#
loop_
_entity.id
_entity.type
_entity.pdbx_description
1 polymer 'Peptidoglycan recognition protein 1'
2 non-polymer 1,2-ETHANEDIOL
3 non-polymer '2,6-DIAMINOPIMELIC ACID'
4 non-polymer GLYCEROL
5 non-polymer 'L(+)-TARTARIC ACID'
6 non-polymer alpha-D-ribofuranose
7 water water
#
_entity_poly.entity_id   1
_entity_poly.type   'polypeptide(L)'
_entity_poly.pdbx_seq_one_letter_code
;ACGSIVPRREWRALASECRERLTRPVRYVVVSHTAGSHCDTPASCAQQAQNVQSYHVRNLGWCDVGYNFLIGEDGLVYEG
RGWNIKGAHAGPTWNPISIGISFMGNYMNRVPPPRALRAAQNLLACGVALGALRSNYEVKGHRDVQPTLSPGDRLYEIIQ
TWSHYRA
;
_entity_poly.pdbx_strand_id   A,B,C,D
#
loop_
_chem_comp.id
_chem_comp.type
_chem_comp.name
_chem_comp.formula
EDO non-polymer 1,2-ETHANEDIOL 'C2 H6 O2'
GOL non-polymer GLYCEROL 'C3 H8 O3'
RIB D-saccharide, alpha linking alpha-D-ribofuranose 'C5 H10 O5'
TLA non-polymer 'L(+)-TARTARIC ACID' 'C4 H6 O6'
#
# COMPACT_ATOMS: atom_id res chain seq x y z
N ALA A 1 -12.92 0.26 15.68
CA ALA A 1 -11.72 -0.50 16.17
C ALA A 1 -11.02 -1.31 15.04
N CYS A 2 -9.76 -1.75 15.29
CA CYS A 2 -9.04 -2.66 14.38
C CYS A 2 -8.07 -3.62 15.08
N GLY A 3 -7.90 -4.79 14.47
CA GLY A 3 -6.92 -5.81 14.89
C GLY A 3 -7.08 -6.29 16.32
N SER A 4 -6.08 -7.06 16.76
CA SER A 4 -5.97 -7.50 18.13
C SER A 4 -4.62 -7.02 18.63
N ILE A 5 -4.62 -6.44 19.79
CA ILE A 5 -3.41 -5.90 20.42
C ILE A 5 -3.51 -6.30 21.87
N VAL A 6 -2.43 -6.74 22.46
CA VAL A 6 -2.38 -7.01 23.86
C VAL A 6 -2.24 -5.63 24.51
N PRO A 7 -3.25 -5.19 25.30
CA PRO A 7 -3.16 -3.87 25.94
C PRO A 7 -2.14 -3.79 27.05
N ARG A 8 -1.73 -2.57 27.33
CA ARG A 8 -0.68 -2.25 28.32
C ARG A 8 -0.85 -3.02 29.61
N ARG A 9 -2.07 -2.92 30.17
CA ARG A 9 -2.43 -3.52 31.43
C ARG A 9 -2.29 -5.04 31.42
N GLU A 10 -2.65 -5.67 30.30
CA GLU A 10 -2.58 -7.14 30.20
C GLU A 10 -1.14 -7.63 30.31
N TRP A 11 -0.18 -6.90 29.76
CA TRP A 11 1.24 -7.25 29.95
C TRP A 11 1.89 -6.62 31.19
N ARG A 12 1.10 -5.91 31.98
CA ARG A 12 1.46 -5.37 33.30
C ARG A 12 2.46 -4.23 33.17
N ALA A 13 2.16 -3.32 32.27
CA ALA A 13 3.08 -2.24 31.96
C ALA A 13 3.00 -1.21 33.08
N LEU A 14 4.14 -0.62 33.41
CA LEU A 14 4.16 0.59 34.27
C LEU A 14 3.38 1.65 33.56
N ALA A 15 2.76 2.54 34.35
CA ALA A 15 2.01 3.67 33.79
C ALA A 15 2.97 4.50 32.95
N SER A 16 2.49 5.01 31.81
CA SER A 16 3.29 5.87 30.93
C SER A 16 3.35 7.28 31.51
N GLU A 17 4.48 7.95 31.35
CA GLU A 17 4.58 9.35 31.70
C GLU A 17 4.77 10.17 30.44
N CYS A 18 4.61 9.55 29.26
CA CYS A 18 4.88 10.24 27.99
C CYS A 18 3.74 11.18 27.60
N ARG A 19 4.09 12.37 27.07
CA ARG A 19 3.08 13.38 26.69
C ARG A 19 3.10 13.86 25.24
N GLU A 20 4.27 13.85 24.58
CA GLU A 20 4.38 14.32 23.18
C GLU A 20 3.56 13.45 22.24
N ARG A 21 2.65 14.11 21.54
CA ARG A 21 1.81 13.48 20.53
C ARG A 21 2.48 13.52 19.13
N LEU A 22 2.27 12.44 18.37
CA LEU A 22 2.54 12.45 16.94
C LEU A 22 1.39 13.14 16.20
N THR A 23 1.68 13.63 14.99
CA THR A 23 0.72 14.21 14.09
C THR A 23 0.28 13.18 13.06
N ARG A 24 -1.01 12.87 13.13
CA ARG A 24 -1.61 11.93 12.21
C ARG A 24 -1.98 12.66 10.94
N PRO A 25 -2.04 11.99 9.81
CA PRO A 25 -1.55 10.64 9.64
C PRO A 25 -0.01 10.64 9.62
N VAL A 26 0.56 9.60 10.20
CA VAL A 26 2.01 9.42 10.25
C VAL A 26 2.50 8.77 8.95
N ARG A 27 3.63 9.24 8.46
CA ARG A 27 4.11 8.81 7.14
C ARG A 27 5.04 7.62 7.19
N TYR A 28 5.85 7.52 8.25
CA TYR A 28 6.93 6.52 8.31
C TYR A 28 6.70 5.50 9.40
N VAL A 29 7.14 4.28 9.09
CA VAL A 29 7.20 3.20 10.07
C VAL A 29 8.63 2.72 10.11
N VAL A 30 9.22 2.71 11.31
CA VAL A 30 10.55 2.17 11.49
C VAL A 30 10.53 0.82 12.22
N VAL A 31 11.08 -0.21 11.60
CA VAL A 31 11.06 -1.61 12.16
C VAL A 31 12.42 -1.93 12.80
N SER A 32 12.39 -2.24 14.08
CA SER A 32 13.60 -2.63 14.81
C SER A 32 13.43 -4.04 15.31
N HIS A 33 14.53 -4.53 15.89
CA HIS A 33 14.50 -5.64 16.83
C HIS A 33 14.95 -5.13 18.16
N THR A 34 14.54 -5.81 19.23
CA THR A 34 14.97 -5.48 20.57
C THR A 34 16.40 -5.98 20.84
N ALA A 35 16.91 -6.92 20.02
CA ALA A 35 18.20 -7.59 20.25
C ALA A 35 18.25 -8.29 21.59
N GLY A 36 17.08 -8.60 22.13
CA GLY A 36 16.95 -9.24 23.42
C GLY A 36 16.46 -10.66 23.23
N SER A 37 15.99 -11.26 24.32
CA SER A 37 15.51 -12.62 24.34
C SER A 37 14.25 -12.71 23.55
N HIS A 38 14.05 -13.81 22.82
CA HIS A 38 12.76 -14.04 22.16
C HIS A 38 11.84 -14.86 23.11
N CYS A 39 10.59 -14.99 22.71
CA CYS A 39 9.55 -15.58 23.52
C CYS A 39 8.49 -16.02 22.53
N ASP A 40 7.87 -17.17 22.82
CA ASP A 40 6.93 -17.73 21.87
C ASP A 40 5.59 -18.15 22.48
N THR A 41 5.26 -17.59 23.65
CA THR A 41 3.96 -17.79 24.26
C THR A 41 3.45 -16.51 24.81
N PRO A 42 2.14 -16.41 24.97
CA PRO A 42 1.60 -15.17 25.56
C PRO A 42 2.20 -14.81 26.91
N ALA A 43 2.31 -15.82 27.76
CA ALA A 43 2.92 -15.65 29.07
C ALA A 43 4.37 -15.17 28.96
N SER A 44 5.20 -15.82 28.14
CA SER A 44 6.62 -15.42 28.03
C SER A 44 6.77 -14.07 27.33
N CYS A 45 5.94 -13.79 26.32
CA CYS A 45 5.98 -12.50 25.61
C CYS A 45 5.51 -11.32 26.43
N ALA A 46 4.54 -11.51 27.32
CA ALA A 46 4.08 -10.45 28.21
C ALA A 46 5.22 -10.07 29.14
N GLN A 47 5.92 -11.09 29.62
CA GLN A 47 7.07 -10.91 30.48
C GLN A 47 8.15 -10.14 29.79
N GLN A 48 8.46 -10.57 28.58
CA GLN A 48 9.44 -9.87 27.80
C GLN A 48 9.07 -8.38 27.53
N ALA A 49 7.81 -8.12 27.18
CA ALA A 49 7.40 -6.74 27.02
C ALA A 49 7.69 -5.94 28.32
N GLN A 50 7.38 -6.52 29.48
CA GLN A 50 7.73 -5.86 30.76
C GLN A 50 9.20 -5.56 30.92
N ASN A 51 10.03 -6.56 30.59
CA ASN A 51 11.51 -6.46 30.72
C ASN A 51 12.05 -5.32 29.87
N VAL A 52 11.62 -5.29 28.62
CA VAL A 52 11.97 -4.20 27.72
C VAL A 52 11.50 -2.85 28.30
N GLN A 53 10.25 -2.79 28.77
CA GLN A 53 9.76 -1.53 29.30
C GLN A 53 10.57 -1.14 30.53
N SER A 54 10.88 -2.14 31.35
CA SER A 54 11.59 -1.93 32.58
C SER A 54 12.97 -1.33 32.24
N TYR A 55 13.65 -1.94 31.30
CA TYR A 55 14.93 -1.44 30.89
C TYR A 55 14.91 0.02 30.42
N HIS A 56 13.97 0.36 29.54
CA HIS A 56 13.87 1.69 29.02
C HIS A 56 13.51 2.71 30.08
N VAL A 57 12.63 2.33 31.01
CA VAL A 57 12.13 3.28 32.02
C VAL A 57 13.15 3.42 33.10
N ARG A 58 13.54 2.29 33.65
CA ARG A 58 14.36 2.26 34.85
C ARG A 58 15.83 2.56 34.55
N ASN A 59 16.37 1.99 33.48
CA ASN A 59 17.80 2.22 33.12
C ASN A 59 18.11 3.39 32.17
N LEU A 60 17.28 3.55 31.17
CA LEU A 60 17.46 4.63 30.24
C LEU A 60 16.71 5.89 30.64
N GLY A 61 15.80 5.82 31.61
CA GLY A 61 15.12 7.03 32.09
C GLY A 61 14.08 7.58 31.13
N TRP A 62 13.60 6.74 30.20
CA TRP A 62 12.54 7.17 29.29
C TRP A 62 11.20 7.17 29.97
N CYS A 63 10.22 7.85 29.38
CA CYS A 63 8.85 8.01 29.97
C CYS A 63 7.99 6.76 29.86
N ASP A 64 8.43 5.83 29.01
CA ASP A 64 7.70 4.59 28.70
C ASP A 64 8.65 3.75 27.89
N VAL A 65 8.28 2.49 27.67
CA VAL A 65 8.87 1.69 26.63
C VAL A 65 8.97 2.61 25.38
N GLY A 66 10.06 2.51 24.67
CA GLY A 66 10.38 3.41 23.58
C GLY A 66 9.56 3.18 22.33
N TYR A 67 9.10 1.95 22.15
CA TYR A 67 8.43 1.56 20.92
C TYR A 67 6.96 1.85 21.00
N ASN A 68 6.37 2.16 19.84
CA ASN A 68 4.91 2.29 19.77
C ASN A 68 4.18 0.94 19.94
N PHE A 69 4.72 -0.11 19.34
CA PHE A 69 4.24 -1.47 19.48
C PHE A 69 5.44 -2.44 19.44
N LEU A 70 5.30 -3.56 20.14
CA LEU A 70 6.24 -4.69 20.08
C LEU A 70 5.54 -5.89 19.45
N ILE A 71 6.34 -6.72 18.79
CA ILE A 71 5.85 -7.94 18.15
C ILE A 71 6.51 -9.15 18.75
N GLY A 72 5.70 -10.07 19.25
CA GLY A 72 6.19 -11.32 19.81
C GLY A 72 6.13 -12.48 18.85
N GLU A 73 7.00 -13.47 19.06
CA GLU A 73 6.96 -14.69 18.27
C GLU A 73 5.77 -15.59 18.64
N ASP A 74 5.02 -15.22 19.68
CA ASP A 74 3.68 -15.75 19.93
C ASP A 74 2.65 -15.31 18.91
N GLY A 75 2.99 -14.33 18.09
CA GLY A 75 2.14 -13.89 17.01
C GLY A 75 1.15 -12.86 17.46
N LEU A 76 1.45 -12.26 18.61
CA LEU A 76 0.64 -11.15 19.16
C LEU A 76 1.40 -9.82 19.12
N VAL A 77 0.62 -8.74 19.09
CA VAL A 77 1.14 -7.40 19.09
C VAL A 77 0.97 -6.89 20.52
N TYR A 78 2.00 -6.25 21.05
CA TYR A 78 1.97 -5.71 22.39
C TYR A 78 1.96 -4.18 22.25
N GLU A 79 0.96 -3.57 22.91
CA GLU A 79 0.84 -2.13 22.98
C GLU A 79 2.01 -1.51 23.73
N GLY A 80 2.70 -0.59 23.07
CA GLY A 80 3.79 0.23 23.62
C GLY A 80 3.21 1.64 23.83
N ARG A 81 3.82 2.65 23.25
CA ARG A 81 3.24 4.01 23.32
C ARG A 81 1.94 4.19 22.50
N GLY A 82 1.65 3.29 21.58
CA GLY A 82 0.40 3.38 20.79
C GLY A 82 0.55 4.23 19.53
N TRP A 83 -0.59 4.48 18.90
CA TRP A 83 -0.61 5.22 17.63
C TRP A 83 -0.36 6.71 17.75
N ASN A 84 -0.67 7.25 18.92
CA ASN A 84 -0.81 8.70 19.10
C ASN A 84 0.36 9.41 19.78
N ILE A 85 1.21 8.65 20.47
CA ILE A 85 2.27 9.21 21.32
C ILE A 85 3.58 8.92 20.66
N LYS A 86 4.43 9.94 20.62
CA LYS A 86 5.75 9.88 20.11
C LYS A 86 6.69 8.91 20.84
N GLY A 87 7.26 7.98 20.08
CA GLY A 87 8.23 7.03 20.57
C GLY A 87 9.63 7.59 20.79
N ALA A 88 10.50 6.71 21.27
CA ALA A 88 11.92 6.89 21.42
C ALA A 88 12.57 5.62 20.97
N HIS A 89 12.82 5.50 19.69
CA HIS A 89 13.34 4.28 19.11
C HIS A 89 14.24 4.47 17.90
N ALA A 90 14.28 5.69 17.36
CA ALA A 90 14.98 5.96 16.11
C ALA A 90 15.69 7.34 16.03
N GLY A 91 15.92 8.00 17.15
CA GLY A 91 16.66 9.24 17.15
C GLY A 91 15.75 10.44 16.95
N PRO A 92 16.30 11.66 17.19
CA PRO A 92 15.47 12.87 17.30
C PRO A 92 14.86 13.42 15.98
N THR A 93 15.43 13.01 14.84
CA THR A 93 14.92 13.34 13.50
C THR A 93 13.73 12.41 13.13
N TRP A 94 13.81 11.12 13.49
CA TRP A 94 12.81 10.09 13.09
C TRP A 94 11.68 9.86 14.08
N ASN A 95 11.99 9.89 15.37
CA ASN A 95 11.01 9.77 16.45
C ASN A 95 9.73 10.63 16.32
N PRO A 96 9.84 11.92 15.94
CA PRO A 96 8.62 12.77 15.79
C PRO A 96 7.74 12.53 14.58
N ILE A 97 8.21 11.73 13.62
CA ILE A 97 7.52 11.56 12.32
C ILE A 97 7.27 10.08 11.98
N SER A 98 7.43 9.18 12.96
CA SER A 98 7.28 7.76 12.70
C SER A 98 6.58 6.99 13.81
N ILE A 99 6.19 5.78 13.42
CA ILE A 99 5.78 4.73 14.34
C ILE A 99 6.93 3.74 14.42
N GLY A 100 7.36 3.42 15.64
CA GLY A 100 8.37 2.42 15.87
C GLY A 100 7.74 1.10 16.31
N ILE A 101 7.93 0.07 15.50
CA ILE A 101 7.54 -1.30 15.86
C ILE A 101 8.80 -2.13 16.00
N SER A 102 8.85 -2.90 17.09
CA SER A 102 10.05 -3.69 17.41
C SER A 102 9.69 -5.14 17.55
N PHE A 103 10.41 -6.02 16.85
CA PHE A 103 10.24 -7.48 17.06
C PHE A 103 11.05 -7.88 18.29
N MET A 104 10.43 -8.60 19.22
CA MET A 104 11.11 -8.98 20.45
C MET A 104 12.04 -10.19 20.20
N GLY A 105 13.33 -9.91 20.07
CA GLY A 105 14.32 -10.90 19.67
C GLY A 105 15.58 -10.31 19.09
N ASN A 106 16.46 -11.19 18.62
CA ASN A 106 17.66 -10.83 17.88
C ASN A 106 17.59 -11.57 16.57
N TYR A 107 17.36 -10.83 15.50
CA TYR A 107 17.15 -11.42 14.20
C TYR A 107 18.37 -11.26 13.28
N MET A 108 19.57 -11.28 13.88
CA MET A 108 20.84 -11.33 13.13
C MET A 108 21.00 -12.70 12.42
N ASN A 109 20.73 -13.78 13.15
CA ASN A 109 20.99 -15.15 12.65
C ASN A 109 19.73 -15.97 12.53
N ARG A 110 18.60 -15.28 12.44
CA ARG A 110 17.34 -15.86 12.80
C ARG A 110 16.19 -15.05 12.25
N VAL A 111 15.16 -15.71 11.72
CA VAL A 111 13.97 -14.98 11.22
C VAL A 111 12.86 -15.05 12.25
N PRO A 112 11.97 -14.04 12.29
CA PRO A 112 10.80 -14.27 13.10
C PRO A 112 9.86 -15.18 12.30
N PRO A 113 9.03 -15.93 13.02
CA PRO A 113 8.12 -16.90 12.42
C PRO A 113 7.03 -16.19 11.65
N PRO A 114 6.38 -16.89 10.68
CA PRO A 114 5.39 -16.20 9.87
C PRO A 114 4.29 -15.43 10.66
N ARG A 115 3.89 -15.96 11.80
CA ARG A 115 2.85 -15.33 12.62
C ARG A 115 3.25 -13.99 13.23
N ALA A 116 4.52 -13.83 13.62
CA ALA A 116 5.06 -12.49 14.00
C ALA A 116 5.01 -11.55 12.81
N LEU A 117 5.38 -12.04 11.63
CA LEU A 117 5.40 -11.20 10.45
C LEU A 117 4.00 -10.79 10.12
N ARG A 118 3.06 -11.74 10.25
CA ARG A 118 1.64 -11.42 9.99
C ARG A 118 1.08 -10.40 10.97
N ALA A 119 1.37 -10.61 12.23
CA ALA A 119 0.94 -9.64 13.29
C ALA A 119 1.40 -8.22 12.96
N ALA A 120 2.67 -8.11 12.55
CA ALA A 120 3.24 -6.83 12.21
C ALA A 120 2.55 -6.17 11.01
N GLN A 121 2.30 -6.92 9.95
CA GLN A 121 1.72 -6.36 8.74
C GLN A 121 0.27 -5.92 8.94
N ASN A 122 -0.44 -6.75 9.67
CA ASN A 122 -1.85 -6.51 9.99
C ASN A 122 -1.99 -5.27 10.89
N LEU A 123 -1.07 -5.16 11.84
CA LEU A 123 -0.98 -3.95 12.70
C LEU A 123 -0.94 -2.68 11.85
N LEU A 124 -0.12 -2.72 10.81
CA LEU A 124 0.07 -1.58 9.93
C LEU A 124 -1.17 -1.30 9.12
N ALA A 125 -1.80 -2.36 8.57
CA ALA A 125 -3.10 -2.18 7.91
C ALA A 125 -4.08 -1.49 8.87
N CYS A 126 -4.10 -1.93 10.11
CA CYS A 126 -4.96 -1.30 11.10
C CYS A 126 -4.65 0.18 11.33
N GLY A 127 -3.37 0.53 11.31
CA GLY A 127 -2.99 1.95 11.42
C GLY A 127 -3.49 2.74 10.24
N VAL A 128 -3.35 2.19 9.06
CA VAL A 128 -3.96 2.79 7.92
C VAL A 128 -5.49 2.92 8.14
N ALA A 129 -6.21 1.83 8.35
CA ALA A 129 -7.68 1.89 8.57
C ALA A 129 -8.09 2.95 9.61
N LEU A 130 -7.31 3.06 10.69
CA LEU A 130 -7.52 4.02 11.75
C LEU A 130 -7.23 5.47 11.44
N GLY A 131 -6.57 5.77 10.31
CA GLY A 131 -6.04 7.11 10.03
C GLY A 131 -4.78 7.50 10.83
N ALA A 132 -4.21 6.55 11.59
CA ALA A 132 -2.95 6.75 12.33
C ALA A 132 -1.72 6.79 11.41
N LEU A 133 -1.76 5.95 10.39
CA LEU A 133 -0.78 5.92 9.31
C LEU A 133 -1.40 6.36 7.99
N ARG A 134 -0.63 7.07 7.19
CA ARG A 134 -0.96 7.35 5.80
C ARG A 134 -1.13 6.06 5.01
N SER A 135 -2.02 6.08 4.03
CA SER A 135 -2.24 4.95 3.12
C SER A 135 -1.01 4.65 2.32
N ASN A 136 -0.28 5.69 1.96
CA ASN A 136 1.01 5.54 1.28
C ASN A 136 2.18 5.63 2.30
N TYR A 137 2.05 4.99 3.48
CA TYR A 137 3.14 5.00 4.47
C TYR A 137 4.35 4.27 3.89
N GLU A 138 5.51 4.58 4.45
CA GLU A 138 6.77 3.94 4.10
C GLU A 138 7.38 3.23 5.28
N VAL A 139 7.85 2.00 5.06
CA VAL A 139 8.55 1.25 6.10
C VAL A 139 10.03 1.37 5.91
N LYS A 140 10.73 1.65 7.02
CA LYS A 140 12.19 1.71 7.03
C LYS A 140 12.69 0.65 8.00
N GLY A 141 13.84 0.09 7.68
CA GLY A 141 14.63 -0.63 8.70
C GLY A 141 15.20 0.39 9.70
N HIS A 142 15.47 0.00 10.94
CA HIS A 142 16.14 0.88 11.90
C HIS A 142 17.55 1.33 11.35
N ARG A 143 18.29 0.39 10.80
CA ARG A 143 19.55 0.65 10.10
C ARG A 143 19.48 1.62 8.90
N ASP A 144 18.33 1.73 8.25
CA ASP A 144 18.14 2.74 7.18
C ASP A 144 18.17 4.20 7.71
N VAL A 145 17.79 4.40 8.96
CA VAL A 145 17.68 5.74 9.54
C VAL A 145 18.61 6.00 10.76
N GLN A 146 19.40 5.01 11.19
CA GLN A 146 20.37 5.11 12.31
C GLN A 146 21.45 4.07 12.12
N PRO A 147 22.65 4.26 12.72
CA PRO A 147 23.78 3.40 12.31
C PRO A 147 23.69 1.89 12.73
N THR A 148 23.08 1.59 13.87
CA THR A 148 22.96 0.21 14.37
C THR A 148 22.37 -0.92 13.50
N LEU A 149 22.77 -2.15 13.80
CA LEU A 149 22.35 -3.41 13.13
C LEU A 149 20.85 -3.80 13.16
N SER A 150 20.11 -3.19 14.07
CA SER A 150 18.67 -3.39 14.10
C SER A 150 18.06 -3.13 12.70
N PRO A 151 17.08 -3.90 12.23
CA PRO A 151 16.34 -4.92 12.97
C PRO A 151 16.95 -6.35 12.87
N GLY A 152 18.21 -6.43 12.46
CA GLY A 152 18.91 -7.69 12.30
C GLY A 152 18.90 -8.11 10.84
N ASP A 153 20.02 -8.64 10.39
CA ASP A 153 20.19 -9.01 8.99
C ASP A 153 19.04 -9.80 8.38
N ARG A 154 18.62 -10.89 9.02
CA ARG A 154 17.57 -11.76 8.47
C ARG A 154 16.20 -11.08 8.37
N LEU A 155 15.88 -10.34 9.42
CA LEU A 155 14.65 -9.58 9.48
C LEU A 155 14.70 -8.40 8.54
N TYR A 156 15.82 -7.70 8.49
CA TYR A 156 16.04 -6.67 7.47
C TYR A 156 15.80 -7.16 6.06
N GLU A 157 16.38 -8.29 5.70
CA GLU A 157 16.15 -8.88 4.38
C GLU A 157 14.67 -9.11 4.10
N ILE A 158 13.94 -9.48 5.15
CA ILE A 158 12.50 -9.74 5.00
C ILE A 158 11.73 -8.46 4.75
N ILE A 159 11.96 -7.40 5.55
CA ILE A 159 11.17 -6.18 5.44
C ILE A 159 11.45 -5.46 4.12
N GLN A 160 12.63 -5.70 3.54
CA GLN A 160 12.94 -5.22 2.18
C GLN A 160 11.99 -5.70 1.10
N THR A 161 11.34 -6.86 1.31
CA THR A 161 10.29 -7.36 0.41
C THR A 161 8.87 -6.87 0.71
N TRP A 162 8.67 -6.06 1.75
CA TRP A 162 7.33 -5.52 2.01
C TRP A 162 7.07 -4.46 0.98
N SER A 163 5.82 -4.39 0.51
CA SER A 163 5.38 -3.43 -0.52
C SER A 163 5.50 -1.95 -0.13
N HIS A 164 5.46 -1.65 1.16
CA HIS A 164 5.65 -0.31 1.58
C HIS A 164 7.11 -0.03 1.96
N TYR A 165 8.02 -1.00 1.78
CA TYR A 165 9.41 -0.74 2.11
C TYR A 165 10.02 0.31 1.14
N ARG A 166 10.68 1.33 1.68
CA ARG A 166 11.43 2.31 0.87
C ARG A 166 12.72 2.56 1.64
N ALA A 167 13.86 2.36 1.01
CA ALA A 167 15.17 2.46 1.70
C ALA A 167 15.46 3.90 2.10
N ALA B 1 -2.83 -10.33 4.37
CA ALA B 1 -3.42 -11.36 5.28
C ALA B 1 -4.31 -10.69 6.38
N CYS B 2 -5.63 -10.93 6.30
CA CYS B 2 -6.65 -10.03 6.87
C CYS B 2 -6.68 -9.84 8.37
N GLY B 3 -7.13 -10.87 9.09
CA GLY B 3 -6.84 -11.00 10.51
C GLY B 3 -5.43 -11.56 10.54
N SER B 4 -4.97 -11.99 11.70
CA SER B 4 -3.71 -12.72 11.73
C SER B 4 -4.04 -14.20 11.86
N ILE B 5 -4.70 -14.71 10.83
CA ILE B 5 -5.19 -16.08 10.81
C ILE B 5 -4.02 -17.05 10.53
N VAL B 6 -3.83 -18.06 11.36
CA VAL B 6 -2.87 -19.15 11.12
C VAL B 6 -3.42 -19.96 9.92
N PRO B 7 -2.67 -20.01 8.79
CA PRO B 7 -3.21 -20.73 7.62
C PRO B 7 -3.23 -22.24 7.78
N ARG B 8 -4.13 -22.87 7.05
CA ARG B 8 -4.25 -24.33 7.08
C ARG B 8 -2.89 -25.04 7.18
N ARG B 9 -2.01 -24.72 6.24
CA ARG B 9 -0.72 -25.41 6.10
C ARG B 9 0.15 -25.20 7.33
N GLU B 10 0.02 -24.03 7.96
CA GLU B 10 0.81 -23.78 9.16
C GLU B 10 0.42 -24.64 10.37
N TRP B 11 -0.84 -25.04 10.48
CA TRP B 11 -1.24 -26.01 11.53
C TRP B 11 -1.26 -27.46 11.04
N ARG B 12 -0.73 -27.67 9.84
CA ARG B 12 -0.46 -28.99 9.24
C ARG B 12 -1.76 -29.70 8.97
N ALA B 13 -2.73 -28.99 8.43
CA ALA B 13 -4.01 -29.56 8.15
C ALA B 13 -3.92 -30.57 7.04
N LEU B 14 -4.72 -31.63 7.13
CA LEU B 14 -5.03 -32.44 5.97
C LEU B 14 -5.72 -31.51 5.00
N ALA B 15 -5.50 -31.75 3.70
CA ALA B 15 -6.18 -30.99 2.65
C ALA B 15 -7.65 -31.22 2.74
N SER B 16 -8.43 -30.18 2.50
CA SER B 16 -9.90 -30.31 2.51
C SER B 16 -10.37 -30.93 1.23
N GLU B 17 -11.51 -31.58 1.28
CA GLU B 17 -12.22 -32.03 0.09
C GLU B 17 -13.59 -31.40 0.02
N CYS B 18 -13.88 -30.33 0.77
CA CYS B 18 -15.27 -29.80 0.79
C CYS B 18 -15.45 -28.96 -0.42
N ARG B 19 -16.64 -28.99 -1.02
CA ARG B 19 -16.95 -28.24 -2.25
C ARG B 19 -18.03 -27.18 -2.08
N GLU B 20 -18.97 -27.40 -1.14
CA GLU B 20 -20.12 -26.56 -1.01
C GLU B 20 -19.72 -25.17 -0.48
N ARG B 21 -20.08 -24.16 -1.28
CA ARG B 21 -19.77 -22.79 -1.04
C ARG B 21 -20.84 -22.12 -0.20
N LEU B 22 -20.44 -21.20 0.67
CA LEU B 22 -21.35 -20.29 1.33
C LEU B 22 -21.62 -19.11 0.41
N THR B 23 -22.88 -18.66 0.36
CA THR B 23 -23.22 -17.40 -0.33
C THR B 23 -22.96 -16.19 0.59
N ARG B 24 -21.99 -15.35 0.21
CA ARG B 24 -21.79 -14.06 0.90
C ARG B 24 -22.85 -12.99 0.53
N PRO B 25 -22.88 -11.85 1.24
CA PRO B 25 -22.39 -11.77 2.60
C PRO B 25 -23.28 -12.65 3.52
N VAL B 26 -22.69 -13.15 4.59
CA VAL B 26 -23.32 -14.10 5.48
C VAL B 26 -23.92 -13.38 6.71
N ARG B 27 -25.07 -13.87 7.13
CA ARG B 27 -25.92 -13.22 8.11
C ARG B 27 -25.55 -13.58 9.55
N TYR B 28 -25.26 -14.85 9.77
CA TYR B 28 -25.10 -15.42 11.11
C TYR B 28 -23.69 -15.93 11.41
N VAL B 29 -23.30 -15.74 12.66
CA VAL B 29 -22.13 -16.37 13.20
C VAL B 29 -22.59 -17.23 14.39
N VAL B 30 -22.19 -18.51 14.39
CA VAL B 30 -22.48 -19.41 15.52
C VAL B 30 -21.21 -19.70 16.29
N VAL B 31 -21.21 -19.41 17.59
CA VAL B 31 -20.04 -19.62 18.46
C VAL B 31 -20.17 -20.92 19.23
N SER B 32 -19.21 -21.84 19.04
CA SER B 32 -19.21 -23.13 19.68
C SER B 32 -17.98 -23.25 20.55
N HIS B 33 -17.91 -24.32 21.35
CA HIS B 33 -16.64 -24.74 21.93
C HIS B 33 -16.36 -26.09 21.37
N THR B 34 -15.10 -26.52 21.39
CA THR B 34 -14.80 -27.83 20.85
C THR B 34 -15.17 -28.95 21.84
N ALA B 35 -15.37 -28.61 23.12
CA ALA B 35 -15.38 -29.55 24.26
C ALA B 35 -14.12 -30.44 24.26
N GLY B 36 -13.03 -29.95 23.67
CA GLY B 36 -11.80 -30.74 23.54
C GLY B 36 -10.83 -30.17 24.56
N SER B 37 -9.56 -30.58 24.46
CA SER B 37 -8.52 -30.00 25.29
C SER B 37 -8.33 -28.53 24.91
N HIS B 38 -7.85 -27.76 25.87
CA HIS B 38 -7.45 -26.40 25.58
C HIS B 38 -5.95 -26.36 25.43
N CYS B 39 -5.49 -25.22 24.94
CA CYS B 39 -4.13 -25.03 24.57
C CYS B 39 -3.89 -23.52 24.71
N ASP B 40 -2.69 -23.09 25.04
CA ASP B 40 -2.43 -21.66 25.19
C ASP B 40 -1.04 -21.21 24.67
N THR B 41 -0.50 -21.96 23.72
CA THR B 41 0.67 -21.60 22.97
C THR B 41 0.46 -21.95 21.50
N PRO B 42 1.17 -21.26 20.60
CA PRO B 42 0.98 -21.60 19.20
C PRO B 42 1.27 -23.05 18.88
N ALA B 43 2.25 -23.64 19.54
CA ALA B 43 2.59 -25.01 19.26
C ALA B 43 1.43 -25.92 19.76
N SER B 44 0.94 -25.67 20.99
CA SER B 44 -0.13 -26.49 21.54
C SER B 44 -1.45 -26.32 20.78
N CYS B 45 -1.76 -25.11 20.30
CA CYS B 45 -3.01 -24.87 19.60
C CYS B 45 -3.01 -25.32 18.15
N ALA B 46 -1.86 -25.29 17.49
CA ALA B 46 -1.69 -25.98 16.18
C ALA B 46 -1.98 -27.48 16.27
N GLN B 47 -1.39 -28.12 17.27
CA GLN B 47 -1.63 -29.54 17.52
C GLN B 47 -3.10 -29.79 17.80
N GLN B 48 -3.72 -28.90 18.55
CA GLN B 48 -5.08 -29.10 18.95
C GLN B 48 -6.03 -28.96 17.75
N ALA B 49 -5.79 -27.99 16.86
CA ALA B 49 -6.57 -27.93 15.63
C ALA B 49 -6.37 -29.17 14.76
N GLN B 50 -5.12 -29.67 14.71
CA GLN B 50 -4.83 -30.92 13.99
C GLN B 50 -5.69 -32.01 14.51
N ASN B 51 -5.68 -32.14 15.84
CA ASN B 51 -6.40 -33.19 16.53
C ASN B 51 -7.91 -33.10 16.27
N VAL B 52 -8.47 -31.90 16.28
CA VAL B 52 -9.90 -31.76 16.08
C VAL B 52 -10.25 -32.13 14.65
N GLN B 53 -9.44 -31.66 13.70
CA GLN B 53 -9.66 -31.95 12.27
C GLN B 53 -9.54 -33.48 11.97
N SER B 54 -8.56 -34.10 12.60
CA SER B 54 -8.31 -35.53 12.52
C SER B 54 -9.55 -36.32 12.98
N TYR B 55 -10.16 -35.90 14.07
CA TYR B 55 -11.38 -36.56 14.52
C TYR B 55 -12.48 -36.41 13.49
N HIS B 56 -12.67 -35.19 13.02
CA HIS B 56 -13.71 -34.93 12.04
C HIS B 56 -13.52 -35.69 10.74
N VAL B 57 -12.28 -35.85 10.31
CA VAL B 57 -11.97 -36.41 8.97
C VAL B 57 -11.87 -37.92 9.02
N ARG B 58 -10.97 -38.42 9.84
CA ARG B 58 -10.74 -39.84 9.97
C ARG B 58 -11.94 -40.54 10.57
N ASN B 59 -12.49 -39.98 11.66
CA ASN B 59 -13.58 -40.63 12.40
C ASN B 59 -14.99 -40.35 11.99
N LEU B 60 -15.34 -39.08 11.80
CA LEU B 60 -16.69 -38.73 11.34
C LEU B 60 -16.84 -38.81 9.85
N GLY B 61 -15.72 -38.94 9.15
CA GLY B 61 -15.74 -39.08 7.69
C GLY B 61 -16.11 -37.81 6.96
N TRP B 62 -15.89 -36.65 7.59
CA TRP B 62 -16.27 -35.38 6.96
C TRP B 62 -15.19 -34.92 5.98
N CYS B 63 -15.57 -34.02 5.08
CA CYS B 63 -14.62 -33.44 4.09
C CYS B 63 -13.49 -32.54 4.65
N ASP B 64 -13.64 -32.04 5.88
CA ASP B 64 -12.69 -31.17 6.57
C ASP B 64 -13.19 -30.96 7.98
N VAL B 65 -12.34 -30.42 8.83
CA VAL B 65 -12.79 -29.83 10.08
C VAL B 65 -14.11 -29.10 9.86
N GLY B 66 -15.06 -29.30 10.74
CA GLY B 66 -16.36 -28.75 10.55
C GLY B 66 -16.47 -27.23 10.70
N TYR B 67 -15.60 -26.64 11.51
CA TYR B 67 -15.73 -25.21 11.85
C TYR B 67 -15.04 -24.38 10.77
N ASN B 68 -15.58 -23.19 10.52
CA ASN B 68 -14.97 -22.26 9.55
C ASN B 68 -13.68 -21.70 10.13
N PHE B 69 -13.65 -21.42 11.43
CA PHE B 69 -12.42 -21.01 12.12
C PHE B 69 -12.42 -21.57 13.50
N LEU B 70 -11.21 -21.77 14.06
CA LEU B 70 -11.06 -22.14 15.47
C LEU B 70 -10.26 -21.06 16.20
N ILE B 71 -10.56 -20.89 17.49
CA ILE B 71 -9.87 -19.92 18.33
C ILE B 71 -9.11 -20.57 19.45
N GLY B 72 -7.84 -20.20 19.56
CA GLY B 72 -6.99 -20.80 20.57
C GLY B 72 -6.91 -19.85 21.74
N GLU B 73 -6.66 -20.39 22.92
CA GLU B 73 -6.31 -19.56 24.06
C GLU B 73 -4.89 -18.93 23.96
N ASP B 74 -4.11 -19.30 22.93
CA ASP B 74 -2.93 -18.50 22.50
C ASP B 74 -3.28 -17.15 21.89
N GLY B 75 -4.57 -16.88 21.66
CA GLY B 75 -5.01 -15.63 21.07
C GLY B 75 -4.88 -15.51 19.56
N LEU B 76 -4.81 -16.66 18.88
CA LEU B 76 -4.77 -16.75 17.44
C LEU B 76 -5.97 -17.54 16.94
N VAL B 77 -6.36 -17.22 15.71
CA VAL B 77 -7.43 -17.80 14.99
C VAL B 77 -6.79 -18.74 13.96
N TYR B 78 -7.34 -19.95 13.87
CA TYR B 78 -6.89 -21.05 13.03
C TYR B 78 -7.89 -21.24 11.93
N GLU B 79 -7.42 -21.15 10.69
CA GLU B 79 -8.24 -21.29 9.53
C GLU B 79 -8.79 -22.74 9.51
N GLY B 80 -10.09 -22.86 9.49
CA GLY B 80 -10.80 -24.11 9.27
C GLY B 80 -11.25 -24.10 7.84
N ARG B 81 -12.55 -24.22 7.59
CA ARG B 81 -13.06 -24.18 6.22
C ARG B 81 -13.04 -22.77 5.58
N GLY B 82 -12.80 -21.74 6.40
CA GLY B 82 -12.71 -20.37 5.91
C GLY B 82 -14.02 -19.65 5.68
N TRP B 83 -13.91 -18.49 5.03
CA TRP B 83 -15.08 -17.62 4.75
C TRP B 83 -16.00 -18.18 3.70
N ASN B 84 -15.48 -19.01 2.79
CA ASN B 84 -16.23 -19.31 1.55
C ASN B 84 -16.88 -20.70 1.47
N ILE B 85 -16.49 -21.60 2.37
CA ILE B 85 -16.92 -23.02 2.32
C ILE B 85 -17.90 -23.28 3.45
N LYS B 86 -19.05 -23.85 3.08
CA LYS B 86 -20.05 -24.20 4.07
C LYS B 86 -19.45 -25.08 5.16
N GLY B 87 -19.73 -24.73 6.41
CA GLY B 87 -19.28 -25.45 7.60
C GLY B 87 -20.15 -26.67 7.95
N ALA B 88 -19.68 -27.49 8.88
CA ALA B 88 -20.45 -28.58 9.51
C ALA B 88 -20.32 -28.41 11.01
N HIS B 89 -21.17 -27.55 11.57
CA HIS B 89 -21.02 -27.20 13.00
C HIS B 89 -22.31 -26.86 13.76
N ALA B 90 -23.41 -26.61 13.06
CA ALA B 90 -24.64 -26.18 13.68
C ALA B 90 -25.89 -26.81 13.04
N GLY B 91 -25.76 -28.01 12.48
CA GLY B 91 -26.89 -28.68 11.81
C GLY B 91 -27.28 -28.09 10.46
N PRO B 92 -28.22 -28.76 9.76
CA PRO B 92 -28.56 -28.42 8.36
C PRO B 92 -29.32 -27.14 8.14
N THR B 93 -30.02 -26.63 9.14
CA THR B 93 -30.68 -25.31 9.02
C THR B 93 -29.62 -24.18 9.04
N TRP B 94 -28.66 -24.28 9.97
CA TRP B 94 -27.69 -23.19 10.23
C TRP B 94 -26.35 -23.22 9.46
N ASN B 95 -25.86 -24.42 9.13
CA ASN B 95 -24.61 -24.58 8.37
C ASN B 95 -24.62 -23.71 7.08
N PRO B 96 -25.74 -23.70 6.32
CA PRO B 96 -25.65 -22.90 5.06
C PRO B 96 -25.85 -21.38 5.19
N ILE B 97 -26.24 -20.88 6.34
CA ILE B 97 -26.53 -19.44 6.47
C ILE B 97 -25.63 -18.79 7.57
N SER B 98 -24.53 -19.45 7.93
CA SER B 98 -23.64 -18.98 9.00
C SER B 98 -22.15 -19.29 8.79
N ILE B 99 -21.33 -18.65 9.62
CA ILE B 99 -19.94 -18.95 9.79
C ILE B 99 -19.88 -19.52 11.17
N GLY B 100 -19.18 -20.65 11.32
CA GLY B 100 -19.05 -21.25 12.64
C GLY B 100 -17.64 -21.05 13.15
N ILE B 101 -17.52 -20.40 14.30
CA ILE B 101 -16.25 -20.22 14.97
C ILE B 101 -16.31 -21.04 16.28
N SER B 102 -15.22 -21.72 16.62
CA SER B 102 -15.17 -22.60 17.76
C SER B 102 -13.96 -22.30 18.61
N PHE B 103 -14.21 -22.00 19.88
CA PHE B 103 -13.15 -21.87 20.87
C PHE B 103 -12.68 -23.29 21.30
N MET B 104 -11.37 -23.49 21.25
CA MET B 104 -10.73 -24.76 21.43
C MET B 104 -10.60 -25.00 22.91
N GLY B 105 -11.57 -25.74 23.47
CA GLY B 105 -11.65 -25.99 24.89
C GLY B 105 -13.04 -26.31 25.41
N ASN B 106 -13.17 -26.42 26.73
CA ASN B 106 -14.46 -26.61 27.36
C ASN B 106 -14.64 -25.51 28.34
N TYR B 107 -15.57 -24.63 28.03
CA TYR B 107 -15.85 -23.39 28.78
C TYR B 107 -17.12 -23.46 29.64
N MET B 108 -17.44 -24.68 30.11
CA MET B 108 -18.51 -24.91 31.08
C MET B 108 -18.13 -24.23 32.38
N ASN B 109 -16.95 -24.56 32.90
CA ASN B 109 -16.48 -24.06 34.18
C ASN B 109 -15.20 -23.23 34.05
N ARG B 110 -15.02 -22.62 32.88
CA ARG B 110 -13.76 -21.98 32.48
C ARG B 110 -14.15 -20.85 31.55
N VAL B 111 -13.38 -19.79 31.60
CA VAL B 111 -13.59 -18.68 30.69
C VAL B 111 -12.39 -18.70 29.72
N PRO B 112 -12.61 -18.40 28.44
CA PRO B 112 -11.44 -18.15 27.59
C PRO B 112 -10.77 -16.82 27.93
N PRO B 113 -9.43 -16.74 27.85
CA PRO B 113 -8.75 -15.48 28.17
C PRO B 113 -9.16 -14.33 27.25
N PRO B 114 -8.99 -13.05 27.70
CA PRO B 114 -9.30 -11.89 26.84
C PRO B 114 -8.65 -11.91 25.43
N ARG B 115 -7.44 -12.45 25.30
CA ARG B 115 -6.83 -12.52 23.96
C ARG B 115 -7.60 -13.44 23.00
N ALA B 116 -8.19 -14.50 23.53
CA ALA B 116 -9.02 -15.37 22.69
C ALA B 116 -10.24 -14.60 22.21
N LEU B 117 -10.84 -13.83 23.11
CA LEU B 117 -12.05 -13.11 22.82
C LEU B 117 -11.74 -12.02 21.84
N ARG B 118 -10.62 -11.30 22.06
CA ARG B 118 -10.21 -10.25 21.05
C ARG B 118 -10.00 -10.86 19.67
N ALA B 119 -9.31 -11.98 19.60
CA ALA B 119 -9.06 -12.64 18.32
C ALA B 119 -10.37 -12.99 17.64
N ALA B 120 -11.37 -13.44 18.41
CA ALA B 120 -12.71 -13.74 17.84
C ALA B 120 -13.35 -12.52 17.23
N GLN B 121 -13.40 -11.41 17.98
CA GLN B 121 -14.07 -10.19 17.43
C GLN B 121 -13.29 -9.49 16.29
N ASN B 122 -11.97 -9.46 16.40
CA ASN B 122 -11.09 -9.08 15.31
C ASN B 122 -11.40 -9.94 14.07
N LEU B 123 -11.47 -11.26 14.22
CA LEU B 123 -11.86 -12.14 13.10
C LEU B 123 -13.14 -11.70 12.46
N LEU B 124 -14.16 -11.45 13.26
CA LEU B 124 -15.48 -11.08 12.71
C LEU B 124 -15.51 -9.73 11.95
N ALA B 125 -14.87 -8.70 12.51
CA ALA B 125 -14.70 -7.42 11.81
C ALA B 125 -14.02 -7.65 10.46
N CYS B 126 -12.91 -8.37 10.49
CA CYS B 126 -12.17 -8.79 9.30
C CYS B 126 -13.08 -9.46 8.29
N GLY B 127 -14.02 -10.27 8.77
CA GLY B 127 -15.02 -10.84 7.90
C GLY B 127 -15.90 -9.80 7.23
N VAL B 128 -16.40 -8.84 8.02
CA VAL B 128 -17.20 -7.69 7.51
C VAL B 128 -16.35 -6.98 6.48
N ALA B 129 -15.17 -6.52 6.92
CA ALA B 129 -14.19 -5.82 6.09
C ALA B 129 -13.97 -6.47 4.74
N LEU B 130 -13.89 -7.80 4.71
CA LEU B 130 -13.76 -8.57 3.45
C LEU B 130 -15.07 -8.76 2.66
N GLY B 131 -16.24 -8.50 3.25
CA GLY B 131 -17.53 -8.85 2.57
C GLY B 131 -18.03 -10.30 2.77
N ALA B 132 -17.40 -11.03 3.68
CA ALA B 132 -17.80 -12.41 4.04
C ALA B 132 -19.01 -12.42 4.97
N LEU B 133 -19.01 -11.45 5.89
CA LEU B 133 -20.13 -11.21 6.79
C LEU B 133 -20.88 -9.91 6.39
N ARG B 134 -22.18 -9.93 6.65
CA ARG B 134 -22.99 -8.71 6.76
C ARG B 134 -22.37 -7.78 7.81
N SER B 135 -22.51 -6.48 7.61
CA SER B 135 -22.12 -5.49 8.62
C SER B 135 -23.02 -5.58 9.87
N ASN B 136 -24.26 -5.97 9.67
CA ASN B 136 -25.23 -6.17 10.76
C ASN B 136 -25.36 -7.66 11.13
N TYR B 137 -24.24 -8.39 11.17
CA TYR B 137 -24.29 -9.84 11.37
C TYR B 137 -24.84 -10.15 12.76
N GLU B 138 -25.42 -11.33 12.92
CA GLU B 138 -25.92 -11.73 14.22
C GLU B 138 -25.20 -12.94 14.75
N VAL B 139 -24.80 -12.86 16.01
CA VAL B 139 -24.08 -13.89 16.72
C VAL B 139 -25.08 -14.73 17.53
N LYS B 140 -25.02 -16.05 17.36
CA LYS B 140 -25.84 -16.99 18.12
C LYS B 140 -24.83 -17.82 18.78
N GLY B 141 -25.13 -18.27 19.99
CA GLY B 141 -24.39 -19.37 20.60
C GLY B 141 -24.90 -20.69 20.01
N HIS B 142 -24.02 -21.68 19.98
CA HIS B 142 -24.32 -23.00 19.47
C HIS B 142 -25.63 -23.55 20.10
N ARG B 143 -25.74 -23.51 21.44
CA ARG B 143 -26.99 -23.89 22.20
C ARG B 143 -28.28 -23.12 21.84
N ASP B 144 -28.17 -21.96 21.24
CA ASP B 144 -29.35 -21.24 20.74
C ASP B 144 -29.93 -21.85 19.45
N VAL B 145 -29.17 -22.69 18.77
CA VAL B 145 -29.62 -23.23 17.48
C VAL B 145 -29.58 -24.74 17.38
N GLN B 146 -29.02 -25.39 18.39
CA GLN B 146 -28.92 -26.83 18.47
C GLN B 146 -28.98 -27.24 19.93
N PRO B 147 -29.41 -28.48 20.19
CA PRO B 147 -29.42 -28.93 21.57
C PRO B 147 -28.01 -29.35 22.01
N THR B 148 -27.40 -28.53 22.85
CA THR B 148 -26.02 -28.77 23.27
C THR B 148 -25.67 -27.73 24.31
N LEU B 149 -24.74 -28.09 25.20
CA LEU B 149 -24.18 -27.16 26.17
C LEU B 149 -23.19 -26.16 25.55
N SER B 150 -22.64 -26.52 24.39
CA SER B 150 -21.76 -25.66 23.58
C SER B 150 -22.42 -24.29 23.48
N PRO B 151 -21.71 -23.18 23.79
CA PRO B 151 -20.24 -23.10 23.95
C PRO B 151 -19.70 -23.19 25.39
N GLY B 152 -20.48 -23.77 26.30
CA GLY B 152 -20.16 -23.73 27.72
C GLY B 152 -20.85 -22.54 28.39
N ASP B 153 -21.35 -22.77 29.59
CA ASP B 153 -22.04 -21.75 30.36
C ASP B 153 -21.23 -20.46 30.39
N ARG B 154 -19.98 -20.55 30.87
CA ARG B 154 -19.11 -19.38 31.07
C ARG B 154 -18.87 -18.59 29.77
N LEU B 155 -18.53 -19.30 28.69
CA LEU B 155 -18.33 -18.65 27.41
C LEU B 155 -19.63 -18.09 26.85
N TYR B 156 -20.71 -18.81 27.08
CA TYR B 156 -22.00 -18.38 26.55
C TYR B 156 -22.51 -17.08 27.20
N GLU B 157 -22.25 -16.92 28.50
CA GLU B 157 -22.69 -15.72 29.21
C GLU B 157 -21.92 -14.48 28.74
N ILE B 158 -20.67 -14.67 28.33
CA ILE B 158 -19.88 -13.62 27.70
C ILE B 158 -20.42 -13.23 26.34
N ILE B 159 -20.63 -14.20 25.44
CA ILE B 159 -21.10 -13.81 24.08
C ILE B 159 -22.49 -13.17 24.13
N GLN B 160 -23.27 -13.48 25.17
CA GLN B 160 -24.52 -12.74 25.45
C GLN B 160 -24.34 -11.22 25.55
N THR B 161 -23.21 -10.77 26.09
CA THR B 161 -22.90 -9.33 26.27
C THR B 161 -22.35 -8.64 25.03
N TRP B 162 -22.02 -9.43 23.99
CA TRP B 162 -21.51 -8.88 22.72
C TRP B 162 -22.59 -8.15 22.00
N SER B 163 -22.23 -7.05 21.35
CA SER B 163 -23.16 -6.11 20.74
C SER B 163 -23.98 -6.72 19.63
N HIS B 164 -23.39 -7.65 18.91
CA HIS B 164 -24.11 -8.34 17.82
C HIS B 164 -24.85 -9.65 18.26
N TYR B 165 -24.87 -9.99 19.55
CA TYR B 165 -25.52 -11.25 20.00
C TYR B 165 -27.03 -11.13 19.93
N ARG B 166 -27.69 -12.17 19.43
CA ARG B 166 -29.18 -12.25 19.33
C ARG B 166 -29.65 -13.63 19.72
N ALA B 167 -30.26 -13.78 20.88
CA ALA B 167 -30.93 -15.04 21.27
C ALA B 167 -32.14 -15.41 20.39
N ALA C 1 29.14 32.90 -3.06
CA ALA C 1 27.70 32.47 -3.03
C ALA C 1 27.06 32.48 -4.42
N CYS C 2 25.96 31.72 -4.59
CA CYS C 2 25.14 31.74 -5.84
C CYS C 2 23.63 31.82 -5.59
N GLY C 3 22.87 32.09 -6.65
CA GLY C 3 21.42 31.96 -6.62
C GLY C 3 20.62 33.21 -6.25
N SER C 4 19.58 33.48 -7.04
CA SER C 4 18.48 34.39 -6.72
C SER C 4 17.21 33.64 -6.29
N ILE C 5 17.42 32.60 -5.51
CA ILE C 5 16.37 31.64 -5.31
C ILE C 5 15.35 32.18 -4.32
N VAL C 6 14.08 32.09 -4.68
CA VAL C 6 13.01 32.35 -3.75
C VAL C 6 12.87 31.21 -2.72
N PRO C 7 13.19 31.48 -1.45
CA PRO C 7 13.11 30.45 -0.43
C PRO C 7 11.67 29.96 -0.16
N ARG C 8 11.55 28.70 0.26
CA ARG C 8 10.25 28.08 0.60
C ARG C 8 9.29 28.96 1.47
N ARG C 9 9.82 29.54 2.56
CA ARG C 9 9.05 30.40 3.50
C ARG C 9 8.40 31.51 2.77
N GLU C 10 9.15 32.09 1.85
CA GLU C 10 8.71 33.22 1.13
C GLU C 10 7.61 32.89 0.16
N TRP C 11 7.59 31.67 -0.42
CA TRP C 11 6.38 31.30 -1.20
C TRP C 11 5.34 30.59 -0.37
N ARG C 12 5.64 30.37 0.92
CA ARG C 12 4.68 30.00 1.97
C ARG C 12 4.34 28.57 1.77
N ALA C 13 5.41 27.79 1.66
CA ALA C 13 5.35 26.39 1.42
C ALA C 13 4.96 25.71 2.69
N LEU C 14 4.09 24.72 2.54
CA LEU C 14 3.86 23.79 3.62
C LEU C 14 5.19 23.18 3.84
N ALA C 15 5.37 22.71 5.06
CA ALA C 15 6.60 22.05 5.45
C ALA C 15 6.81 20.71 4.77
N SER C 16 8.03 20.46 4.34
CA SER C 16 8.39 19.18 3.76
C SER C 16 8.42 18.05 4.76
N GLU C 17 8.03 16.86 4.32
CA GLU C 17 8.23 15.65 5.09
C GLU C 17 9.27 14.73 4.47
N CYS C 18 9.95 15.19 3.42
CA CYS C 18 10.86 14.33 2.66
C CYS C 18 12.17 14.22 3.39
N ARG C 19 12.81 13.05 3.30
CA ARG C 19 14.09 12.75 4.02
C ARG C 19 15.19 12.14 3.17
N GLU C 20 14.82 11.47 2.08
CA GLU C 20 15.81 10.89 1.20
C GLU C 20 16.69 11.97 0.52
N ARG C 21 18.00 11.81 0.70
CA ARG C 21 19.04 12.67 0.17
C ARG C 21 19.64 12.20 -1.17
N LEU C 22 19.95 13.15 -2.02
CA LEU C 22 20.74 12.94 -3.20
C LEU C 22 22.19 13.00 -2.75
N THR C 23 23.07 12.42 -3.53
CA THR C 23 24.49 12.43 -3.20
C THR C 23 25.13 13.41 -4.16
N ARG C 24 25.84 14.41 -3.61
CA ARG C 24 26.48 15.41 -4.43
C ARG C 24 27.88 14.93 -4.81
N PRO C 25 28.37 15.25 -6.03
CA PRO C 25 27.70 16.06 -7.05
C PRO C 25 26.79 15.26 -8.02
N VAL C 26 25.59 15.78 -8.29
CA VAL C 26 24.60 15.13 -9.12
C VAL C 26 24.90 15.27 -10.65
N ARG C 27 24.75 14.16 -11.37
CA ARG C 27 25.08 14.11 -12.77
C ARG C 27 24.00 14.66 -13.71
N TYR C 28 22.74 14.48 -13.36
CA TYR C 28 21.63 14.73 -14.28
C TYR C 28 20.64 15.80 -13.81
N VAL C 29 20.19 16.59 -14.77
CA VAL C 29 19.02 17.46 -14.61
C VAL C 29 17.88 17.04 -15.54
N VAL C 30 16.66 16.98 -15.04
CA VAL C 30 15.54 16.60 -15.86
C VAL C 30 14.62 17.79 -15.86
N VAL C 31 14.29 18.24 -17.06
CA VAL C 31 13.50 19.44 -17.26
C VAL C 31 12.08 19.07 -17.58
N SER C 32 11.15 19.54 -16.75
CA SER C 32 9.70 19.30 -16.89
C SER C 32 8.92 20.62 -16.98
N HIS C 33 7.63 20.52 -17.33
CA HIS C 33 6.71 21.61 -17.12
C HIS C 33 5.64 21.12 -16.20
N THR C 34 4.99 22.03 -15.50
CA THR C 34 3.91 21.67 -14.66
C THR C 34 2.65 21.28 -15.46
N ALA C 35 2.62 21.62 -16.74
CA ALA C 35 1.44 21.59 -17.59
C ALA C 35 0.29 22.49 -17.11
N GLY C 36 0.53 23.29 -16.06
CA GLY C 36 -0.50 24.06 -15.36
C GLY C 36 -0.56 25.48 -15.89
N SER C 37 -1.04 26.39 -15.06
CA SER C 37 -1.09 27.77 -15.48
C SER C 37 0.29 28.34 -15.24
N HIS C 38 0.67 29.25 -16.12
CA HIS C 38 1.85 30.09 -15.90
C HIS C 38 1.46 31.33 -15.06
N CYS C 39 2.46 32.16 -14.79
CA CYS C 39 2.40 33.21 -13.80
C CYS C 39 3.58 34.10 -14.15
N ASP C 40 3.43 35.42 -14.16
CA ASP C 40 4.57 36.29 -14.53
C ASP C 40 4.90 37.41 -13.53
N THR C 41 4.45 37.28 -12.31
CA THR C 41 4.80 38.26 -11.29
C THR C 41 5.21 37.46 -10.08
N PRO C 42 6.02 38.08 -9.18
CA PRO C 42 6.41 37.35 -7.98
C PRO C 42 5.24 36.97 -7.12
N ALA C 43 4.20 37.80 -7.14
CA ALA C 43 3.01 37.49 -6.38
C ALA C 43 2.29 36.26 -6.95
N SER C 44 2.05 36.26 -8.25
CA SER C 44 1.25 35.21 -8.84
C SER C 44 2.04 33.90 -8.86
N CYS C 45 3.35 33.98 -9.08
CA CYS C 45 4.24 32.82 -9.03
C CYS C 45 4.42 32.24 -7.65
N ALA C 46 4.46 33.06 -6.62
CA ALA C 46 4.52 32.49 -5.27
C ALA C 46 3.28 31.57 -4.98
N GLN C 47 2.13 32.09 -5.35
CA GLN C 47 0.88 31.39 -5.34
C GLN C 47 0.93 30.11 -6.22
N GLN C 48 1.46 30.22 -7.42
CA GLN C 48 1.48 29.10 -8.32
C GLN C 48 2.29 27.96 -7.73
N ALA C 49 3.42 28.26 -7.08
CA ALA C 49 4.23 27.24 -6.43
C ALA C 49 3.48 26.60 -5.27
N GLN C 50 2.76 27.44 -4.51
CA GLN C 50 1.86 26.96 -3.48
C GLN C 50 0.85 25.96 -4.02
N ASN C 51 0.20 26.30 -5.12
CA ASN C 51 -0.79 25.42 -5.78
C ASN C 51 -0.19 24.16 -6.34
N VAL C 52 0.95 24.26 -6.98
CA VAL C 52 1.64 23.06 -7.44
C VAL C 52 1.95 22.14 -6.27
N GLN C 53 2.48 22.70 -5.17
CA GLN C 53 2.81 21.88 -3.96
C GLN C 53 1.56 21.25 -3.35
N SER C 54 0.48 22.03 -3.39
CA SER C 54 -0.76 21.58 -2.82
C SER C 54 -1.28 20.35 -3.58
N TYR C 55 -1.20 20.39 -4.91
CA TYR C 55 -1.54 19.21 -5.72
C TYR C 55 -0.70 18.03 -5.26
N HIS C 56 0.62 18.23 -5.17
CA HIS C 56 1.51 17.11 -4.82
C HIS C 56 1.30 16.56 -3.39
N VAL C 57 1.13 17.47 -2.44
CA VAL C 57 1.01 17.13 -1.03
C VAL C 57 -0.37 16.69 -0.66
N ARG C 58 -1.37 17.52 -0.95
CA ARG C 58 -2.75 17.23 -0.51
C ARG C 58 -3.42 16.16 -1.32
N ASN C 59 -3.38 16.28 -2.63
CA ASN C 59 -4.11 15.33 -3.50
C ASN C 59 -3.36 14.04 -3.65
N LEU C 60 -2.08 14.14 -4.03
CA LEU C 60 -1.24 12.98 -4.26
C LEU C 60 -0.65 12.37 -3.02
N GLY C 61 -0.77 13.04 -1.88
CA GLY C 61 -0.24 12.50 -0.60
C GLY C 61 1.29 12.44 -0.47
N TRP C 62 1.99 13.23 -1.28
CA TRP C 62 3.45 13.23 -1.30
C TRP C 62 4.10 14.09 -0.18
N CYS C 63 5.38 13.82 0.13
CA CYS C 63 6.08 14.47 1.24
C CYS C 63 6.36 15.97 1.04
N ASP C 64 6.34 16.38 -0.21
CA ASP C 64 6.53 17.79 -0.66
C ASP C 64 6.23 17.85 -2.13
N VAL C 65 6.24 19.07 -2.64
CA VAL C 65 6.33 19.27 -4.09
C VAL C 65 7.43 18.39 -4.66
N GLY C 66 7.19 17.82 -5.83
CA GLY C 66 8.04 16.78 -6.37
C GLY C 66 9.36 17.25 -6.99
N TYR C 67 9.39 18.51 -7.41
CA TYR C 67 10.51 19.09 -8.10
C TYR C 67 11.56 19.68 -7.15
N ASN C 68 12.81 19.67 -7.57
CA ASN C 68 13.85 20.28 -6.75
C ASN C 68 13.77 21.80 -6.82
N PHE C 69 13.43 22.33 -8.01
CA PHE C 69 13.15 23.74 -8.17
C PHE C 69 12.08 23.93 -9.19
N LEU C 70 11.38 25.06 -9.08
CA LEU C 70 10.41 25.47 -10.06
C LEU C 70 10.81 26.81 -10.64
N ILE C 71 10.43 27.04 -11.89
CA ILE C 71 10.87 28.23 -12.61
C ILE C 71 9.65 29.08 -12.99
N GLY C 72 9.69 30.35 -12.61
CA GLY C 72 8.60 31.23 -12.91
C GLY C 72 8.86 32.00 -14.20
N GLU C 73 7.77 32.38 -14.87
CA GLU C 73 7.85 33.39 -15.90
C GLU C 73 8.15 34.79 -15.40
N ASP C 74 8.08 35.02 -14.08
CA ASP C 74 8.60 36.22 -13.44
C ASP C 74 10.12 36.33 -13.45
N GLY C 75 10.79 35.28 -13.95
CA GLY C 75 12.25 35.20 -14.03
C GLY C 75 12.99 34.83 -12.74
N LEU C 76 12.23 34.27 -11.79
CA LEU C 76 12.70 33.81 -10.51
C LEU C 76 12.61 32.29 -10.39
N VAL C 77 13.50 31.74 -9.57
CA VAL C 77 13.55 30.33 -9.21
C VAL C 77 12.94 30.12 -7.83
N TYR C 78 12.01 29.16 -7.74
CA TYR C 78 11.31 28.79 -6.50
C TYR C 78 11.98 27.55 -5.96
N GLU C 79 12.41 27.64 -4.70
CA GLU C 79 12.99 26.52 -4.02
C GLU C 79 11.96 25.43 -3.84
N GLY C 80 12.28 24.24 -4.33
CA GLY C 80 11.42 23.08 -4.09
C GLY C 80 12.05 22.25 -3.01
N ARG C 81 12.36 21.00 -3.33
CA ARG C 81 13.12 20.13 -2.44
C ARG C 81 14.58 20.53 -2.38
N GLY C 82 15.03 21.37 -3.31
CA GLY C 82 16.38 21.92 -3.29
C GLY C 82 17.44 20.95 -3.75
N TRP C 83 18.68 21.30 -3.45
CA TRP C 83 19.85 20.62 -3.98
C TRP C 83 20.09 19.29 -3.39
N ASN C 84 19.63 19.07 -2.15
CA ASN C 84 20.09 17.93 -1.36
C ASN C 84 19.10 16.76 -1.19
N ILE C 85 17.81 16.99 -1.44
CA ILE C 85 16.76 16.00 -1.23
C ILE C 85 16.27 15.41 -2.56
N LYS C 86 16.21 14.10 -2.67
CA LYS C 86 15.60 13.45 -3.81
C LYS C 86 14.19 13.96 -4.09
N GLY C 87 13.99 14.32 -5.35
CA GLY C 87 12.69 14.74 -5.84
C GLY C 87 11.87 13.55 -6.31
N ALA C 88 10.63 13.84 -6.66
CA ALA C 88 9.67 12.89 -7.20
C ALA C 88 9.12 13.51 -8.47
N HIS C 89 9.86 13.31 -9.56
CA HIS C 89 9.55 14.01 -10.81
C HIS C 89 9.85 13.25 -12.11
N ALA C 90 10.65 12.19 -12.05
CA ALA C 90 11.05 11.46 -13.23
C ALA C 90 11.18 9.94 -13.03
N GLY C 91 10.48 9.41 -12.03
CA GLY C 91 10.38 7.98 -11.82
C GLY C 91 11.56 7.42 -11.05
N PRO C 92 11.52 6.11 -10.75
CA PRO C 92 12.45 5.49 -9.77
C PRO C 92 13.92 5.33 -10.17
N THR C 93 14.18 5.27 -11.47
CA THR C 93 15.56 5.23 -11.97
C THR C 93 16.24 6.59 -11.98
N TRP C 94 15.51 7.63 -12.34
CA TRP C 94 16.09 8.98 -12.47
C TRP C 94 16.04 9.84 -11.19
N ASN C 95 14.93 9.81 -10.46
CA ASN C 95 14.76 10.58 -9.22
C ASN C 95 15.99 10.55 -8.32
N PRO C 96 16.55 9.35 -8.04
CA PRO C 96 17.75 9.30 -7.17
C PRO C 96 19.05 9.91 -7.69
N ILE C 97 19.14 10.14 -8.98
CA ILE C 97 20.40 10.48 -9.62
C ILE C 97 20.32 11.82 -10.35
N SER C 98 19.24 12.58 -10.08
CA SER C 98 18.99 13.79 -10.82
C SER C 98 18.45 14.91 -9.91
N ILE C 99 18.56 16.14 -10.40
CA ILE C 99 17.77 17.30 -10.00
C ILE C 99 16.67 17.54 -11.03
N GLY C 100 15.45 17.70 -10.57
CA GLY C 100 14.27 17.97 -11.40
C GLY C 100 13.88 19.44 -11.29
N ILE C 101 13.90 20.15 -12.43
CA ILE C 101 13.45 21.53 -12.47
C ILE C 101 12.25 21.58 -13.38
N SER C 102 11.21 22.24 -12.92
CA SER C 102 9.99 22.36 -13.65
C SER C 102 9.67 23.83 -13.92
N PHE C 103 9.32 24.09 -15.17
CA PHE C 103 8.82 25.39 -15.58
C PHE C 103 7.33 25.48 -15.31
N MET C 104 6.95 26.51 -14.56
CA MET C 104 5.56 26.76 -14.19
C MET C 104 4.73 27.27 -15.34
N GLY C 105 4.10 26.33 -16.03
CA GLY C 105 3.28 26.62 -17.22
C GLY C 105 3.07 25.40 -18.12
N ASN C 106 2.34 25.59 -19.20
CA ASN C 106 2.26 24.58 -20.28
C ASN C 106 2.93 25.08 -21.57
N TYR C 107 3.98 24.40 -21.99
CA TYR C 107 4.89 24.85 -23.05
C TYR C 107 4.78 23.98 -24.30
N MET C 108 3.65 23.30 -24.39
CA MET C 108 3.24 22.65 -25.65
C MET C 108 3.18 23.68 -26.79
N ASN C 109 2.47 24.79 -26.53
CA ASN C 109 2.23 25.86 -27.50
C ASN C 109 2.78 27.27 -27.19
N ARG C 110 3.55 27.42 -26.12
CA ARG C 110 4.29 28.64 -25.80
C ARG C 110 5.71 28.26 -25.55
N VAL C 111 6.58 29.22 -25.78
CA VAL C 111 7.93 29.14 -25.27
C VAL C 111 7.91 29.85 -23.92
N PRO C 112 8.75 29.40 -22.97
CA PRO C 112 8.84 30.23 -21.77
C PRO C 112 9.65 31.51 -22.09
N PRO C 113 9.29 32.64 -21.46
CA PRO C 113 9.98 33.89 -21.77
C PRO C 113 11.47 33.81 -21.48
N PRO C 114 12.25 34.68 -22.14
CA PRO C 114 13.69 34.62 -21.94
C PRO C 114 14.19 34.70 -20.49
N ARG C 115 13.51 35.44 -19.64
CA ARG C 115 13.92 35.51 -18.23
C ARG C 115 13.71 34.23 -17.44
N ALA C 116 12.75 33.40 -17.88
CA ALA C 116 12.53 32.10 -17.34
C ALA C 116 13.68 31.20 -17.77
N LEU C 117 14.03 31.25 -19.04
CA LEU C 117 15.16 30.49 -19.51
C LEU C 117 16.43 30.89 -18.80
N ARG C 118 16.63 32.20 -18.59
CA ARG C 118 17.88 32.68 -17.96
C ARG C 118 17.96 32.24 -16.47
N ALA C 119 16.83 32.31 -15.78
CA ALA C 119 16.69 31.81 -14.42
C ALA C 119 17.14 30.33 -14.36
N ALA C 120 16.59 29.49 -15.25
CA ALA C 120 16.96 28.06 -15.33
C ALA C 120 18.46 27.87 -15.53
N GLN C 121 19.02 28.54 -16.51
CA GLN C 121 20.43 28.33 -16.80
C GLN C 121 21.35 28.86 -15.74
N ASN C 122 20.98 29.98 -15.13
CA ASN C 122 21.70 30.52 -14.01
C ASN C 122 21.57 29.63 -12.77
N LEU C 123 20.39 29.01 -12.55
CA LEU C 123 20.21 28.03 -11.48
C LEU C 123 21.19 26.92 -11.65
N LEU C 124 21.33 26.42 -12.86
CA LEU C 124 22.26 25.28 -13.10
C LEU C 124 23.74 25.65 -12.92
N ALA C 125 24.11 26.83 -13.40
CA ALA C 125 25.47 27.36 -13.19
C ALA C 125 25.77 27.48 -11.67
N CYS C 126 24.82 28.07 -10.96
CA CYS C 126 24.84 28.20 -9.49
C CYS C 126 25.03 26.76 -8.90
N GLY C 127 24.32 25.76 -9.41
CA GLY C 127 24.53 24.40 -8.89
C GLY C 127 25.91 23.78 -9.03
N VAL C 128 26.52 24.07 -10.18
CA VAL C 128 27.89 23.70 -10.48
C VAL C 128 28.86 24.42 -9.54
N ALA C 129 28.68 25.72 -9.36
CA ALA C 129 29.57 26.49 -8.47
C ALA C 129 29.51 25.95 -7.05
N LEU C 130 28.34 25.48 -6.62
CA LEU C 130 28.19 24.91 -5.27
C LEU C 130 28.74 23.53 -5.10
N GLY C 131 29.14 22.84 -6.17
CA GLY C 131 29.38 21.41 -6.10
C GLY C 131 28.11 20.54 -6.09
N ALA C 132 26.90 21.10 -6.16
CA ALA C 132 25.65 20.28 -6.17
C ALA C 132 25.49 19.47 -7.46
N LEU C 133 25.86 20.10 -8.60
CA LEU C 133 25.85 19.45 -9.89
C LEU C 133 27.26 19.19 -10.34
N ARG C 134 27.48 18.07 -11.03
CA ARG C 134 28.78 17.87 -11.71
C ARG C 134 28.95 18.96 -12.77
N SER C 135 30.18 19.42 -12.99
CA SER C 135 30.42 20.47 -14.03
C SER C 135 30.03 20.01 -15.45
N ASN C 136 30.16 18.70 -15.72
CA ASN C 136 29.61 18.09 -16.94
C ASN C 136 28.21 17.46 -16.72
N TYR C 137 27.34 18.13 -15.98
CA TYR C 137 26.00 17.63 -15.86
C TYR C 137 25.32 17.50 -17.25
N GLU C 138 24.43 16.52 -17.33
CA GLU C 138 23.63 16.26 -18.50
C GLU C 138 22.17 16.60 -18.19
N VAL C 139 21.56 17.27 -19.16
CA VAL C 139 20.19 17.67 -19.11
C VAL C 139 19.39 16.71 -19.98
N LYS C 140 18.24 16.28 -19.45
CA LYS C 140 17.29 15.42 -20.12
C LYS C 140 15.97 16.14 -20.10
N GLY C 141 15.15 15.93 -21.12
CA GLY C 141 13.74 16.34 -21.09
C GLY C 141 12.96 15.28 -20.38
N HIS C 142 11.91 15.68 -19.65
CA HIS C 142 11.04 14.75 -18.94
C HIS C 142 10.53 13.58 -19.88
N ARG C 143 10.14 13.93 -21.10
CA ARG C 143 9.69 12.93 -22.09
C ARG C 143 10.82 11.96 -22.56
N ASP C 144 12.08 12.28 -22.26
CA ASP C 144 13.20 11.38 -22.59
C ASP C 144 13.38 10.25 -21.59
N VAL C 145 12.75 10.34 -20.44
CA VAL C 145 12.95 9.35 -19.37
C VAL C 145 11.64 8.73 -18.83
N GLN C 146 10.52 9.32 -19.21
CA GLN C 146 9.17 8.97 -18.78
C GLN C 146 8.22 9.26 -19.93
N PRO C 147 7.09 8.53 -20.01
CA PRO C 147 6.11 8.78 -21.06
C PRO C 147 5.33 9.97 -20.66
N THR C 148 5.53 11.08 -21.33
CA THR C 148 4.77 12.31 -21.04
C THR C 148 5.05 13.26 -22.17
N LEU C 149 4.19 14.26 -22.31
CA LEU C 149 4.48 15.37 -23.21
C LEU C 149 5.47 16.37 -22.56
N SER C 150 5.54 16.38 -21.22
CA SER C 150 6.50 17.21 -20.48
C SER C 150 7.89 17.08 -21.09
N PRO C 151 8.59 18.21 -21.34
CA PRO C 151 8.29 19.57 -20.83
C PRO C 151 7.51 20.46 -21.79
N GLY C 152 6.81 19.85 -22.74
CA GLY C 152 6.14 20.66 -23.74
C GLY C 152 7.06 20.81 -24.94
N ASP C 153 6.46 20.84 -26.14
CA ASP C 153 7.16 20.74 -27.43
C ASP C 153 8.11 21.94 -27.64
N ARG C 154 7.63 23.14 -27.35
CA ARG C 154 8.46 24.33 -27.59
C ARG C 154 9.64 24.41 -26.61
N LEU C 155 9.32 24.18 -25.33
CA LEU C 155 10.34 24.12 -24.32
C LEU C 155 11.25 22.93 -24.57
N TYR C 156 10.70 21.80 -25.02
CA TYR C 156 11.51 20.61 -25.32
C TYR C 156 12.51 20.96 -26.42
N GLU C 157 12.01 21.63 -27.44
CA GLU C 157 12.83 22.00 -28.60
C GLU C 157 13.99 22.93 -28.20
N ILE C 158 13.71 23.90 -27.34
CA ILE C 158 14.75 24.75 -26.76
C ILE C 158 15.80 23.93 -26.03
N ILE C 159 15.39 23.05 -25.12
CA ILE C 159 16.44 22.38 -24.30
C ILE C 159 17.33 21.45 -25.11
N GLN C 160 16.81 20.86 -26.20
CA GLN C 160 17.66 20.05 -27.12
C GLN C 160 18.89 20.75 -27.72
N THR C 161 18.81 22.08 -27.80
CA THR C 161 19.93 22.91 -28.26
C THR C 161 20.99 23.25 -27.18
N TRP C 162 20.65 23.04 -25.91
CA TRP C 162 21.49 23.39 -24.79
C TRP C 162 22.77 22.60 -24.78
N SER C 163 23.81 23.31 -24.43
CA SER C 163 25.17 22.77 -24.37
C SER C 163 25.23 21.47 -23.60
N HIS C 164 24.49 21.39 -22.50
CA HIS C 164 24.57 20.26 -21.59
C HIS C 164 23.55 19.14 -21.91
N TYR C 165 22.63 19.39 -22.84
CA TYR C 165 21.66 18.37 -23.33
C TYR C 165 22.34 17.09 -23.81
N ARG C 166 21.68 15.97 -23.54
CA ARG C 166 22.15 14.65 -23.93
C ARG C 166 20.96 13.74 -24.23
N ALA C 167 20.96 13.18 -25.43
CA ALA C 167 19.86 12.32 -25.95
C ALA C 167 19.45 11.18 -25.04
N ALA D 1 -14.18 -17.50 -21.85
CA ALA D 1 -15.12 -16.77 -20.94
C ALA D 1 -15.43 -15.38 -21.42
N CYS D 2 -14.44 -14.61 -21.90
CA CYS D 2 -14.72 -13.17 -22.03
C CYS D 2 -14.14 -12.14 -23.07
N GLY D 3 -12.84 -11.82 -23.07
CA GLY D 3 -12.33 -10.64 -23.81
C GLY D 3 -12.50 -10.68 -25.32
N SER D 4 -12.79 -9.52 -25.96
CA SER D 4 -12.52 -9.26 -27.42
C SER D 4 -11.26 -8.37 -27.67
N ILE D 5 -10.11 -8.98 -27.48
CA ILE D 5 -8.86 -8.27 -27.37
C ILE D 5 -7.99 -8.49 -28.59
N VAL D 6 -7.46 -7.38 -29.14
CA VAL D 6 -6.48 -7.50 -30.26
C VAL D 6 -5.16 -7.99 -29.65
N PRO D 7 -4.76 -9.23 -29.95
CA PRO D 7 -3.60 -9.79 -29.30
C PRO D 7 -2.30 -9.16 -29.77
N ARG D 8 -1.28 -9.27 -28.93
CA ARG D 8 0.04 -8.64 -29.19
C ARG D 8 0.55 -8.90 -30.60
N ARG D 9 0.63 -10.18 -30.96
CA ARG D 9 1.09 -10.60 -32.31
C ARG D 9 0.34 -9.87 -33.40
N GLU D 10 -0.97 -9.76 -33.26
CA GLU D 10 -1.76 -9.16 -34.29
C GLU D 10 -1.49 -7.66 -34.52
N TRP D 11 -1.04 -6.92 -33.49
CA TRP D 11 -0.66 -5.49 -33.68
C TRP D 11 0.86 -5.30 -33.88
N ARG D 12 1.57 -6.43 -33.95
CA ARG D 12 2.96 -6.55 -34.41
C ARG D 12 3.98 -6.19 -33.33
N ALA D 13 3.59 -6.39 -32.07
CA ALA D 13 4.35 -5.92 -30.95
C ALA D 13 5.68 -6.60 -30.88
N LEU D 14 6.68 -5.90 -30.39
CA LEU D 14 7.96 -6.52 -30.05
C LEU D 14 7.74 -7.44 -28.86
N ALA D 15 8.48 -8.55 -28.81
CA ALA D 15 8.44 -9.46 -27.63
C ALA D 15 8.71 -8.72 -26.33
N SER D 16 7.96 -9.09 -25.30
CA SER D 16 8.05 -8.41 -23.99
C SER D 16 9.23 -8.99 -23.26
N GLU D 17 9.99 -8.14 -22.59
CA GLU D 17 11.03 -8.62 -21.70
C GLU D 17 10.55 -8.59 -20.25
N CYS D 18 9.28 -8.31 -20.02
CA CYS D 18 8.82 -8.08 -18.64
C CYS D 18 8.54 -9.39 -17.89
N ARG D 19 9.15 -9.50 -16.71
CA ARG D 19 9.06 -10.66 -15.83
C ARG D 19 8.03 -10.43 -14.77
N GLU D 20 8.05 -9.25 -14.15
CA GLU D 20 7.40 -9.05 -12.86
C GLU D 20 5.89 -9.09 -12.96
N ARG D 21 5.28 -9.79 -12.01
CA ARG D 21 3.89 -10.16 -12.04
C ARG D 21 3.05 -9.40 -11.03
N LEU D 22 1.79 -9.22 -11.36
CA LEU D 22 0.80 -8.77 -10.43
C LEU D 22 0.22 -9.98 -9.68
N THR D 23 -0.53 -9.69 -8.62
CA THR D 23 -1.17 -10.70 -7.84
C THR D 23 -2.65 -10.53 -8.06
N ARG D 24 -3.25 -11.47 -8.77
CA ARG D 24 -4.70 -11.45 -8.90
C ARG D 24 -5.35 -11.90 -7.57
N PRO D 25 -6.56 -11.47 -7.27
CA PRO D 25 -7.33 -10.48 -8.03
C PRO D 25 -6.80 -9.08 -7.71
N VAL D 26 -6.64 -8.23 -8.74
CA VAL D 26 -6.08 -6.88 -8.61
C VAL D 26 -7.19 -5.90 -8.17
N ARG D 27 -6.84 -4.96 -7.30
CA ARG D 27 -7.84 -4.07 -6.72
C ARG D 27 -8.10 -2.81 -7.54
N TYR D 28 -7.04 -2.29 -8.20
CA TYR D 28 -7.08 -0.97 -8.76
C TYR D 28 -6.96 -0.90 -10.31
N VAL D 29 -7.63 0.06 -10.90
CA VAL D 29 -7.49 0.35 -12.30
C VAL D 29 -7.14 1.78 -12.41
N VAL D 30 -6.12 2.06 -13.18
CA VAL D 30 -5.70 3.45 -13.44
C VAL D 30 -5.90 3.76 -14.89
N VAL D 31 -6.76 4.74 -15.13
CA VAL D 31 -7.11 5.15 -16.48
C VAL D 31 -6.30 6.37 -16.88
N SER D 32 -5.52 6.19 -17.93
CA SER D 32 -4.73 7.23 -18.54
C SER D 32 -5.17 7.51 -20.02
N HIS D 33 -4.53 8.52 -20.60
CA HIS D 33 -4.53 8.72 -22.07
C HIS D 33 -3.09 8.69 -22.55
N THR D 34 -2.84 8.38 -23.81
CA THR D 34 -1.47 8.40 -24.34
C THR D 34 -1.02 9.83 -24.63
N ALA D 35 -1.98 10.76 -24.68
CA ALA D 35 -1.76 12.17 -24.95
C ALA D 35 -1.34 12.47 -26.40
N GLY D 36 -0.98 11.43 -27.17
CA GLY D 36 -0.71 11.53 -28.61
C GLY D 36 -1.93 11.63 -29.54
N SER D 37 -1.77 11.19 -30.77
CA SER D 37 -2.91 11.19 -31.73
C SER D 37 -3.81 9.98 -31.47
N HIS D 38 -5.04 10.11 -31.92
CA HIS D 38 -6.04 9.05 -31.83
C HIS D 38 -6.05 8.29 -33.16
N CYS D 39 -6.91 7.28 -33.27
CA CYS D 39 -6.88 6.36 -34.40
C CYS D 39 -8.26 5.70 -34.43
N ASP D 40 -8.84 5.48 -35.62
CA ASP D 40 -10.23 5.08 -35.61
C ASP D 40 -10.62 3.95 -36.55
N THR D 41 -9.64 3.11 -36.84
CA THR D 41 -9.78 2.01 -37.68
C THR D 41 -8.79 1.07 -37.12
N PRO D 42 -8.94 -0.24 -37.38
CA PRO D 42 -8.03 -1.22 -36.86
C PRO D 42 -6.66 -1.15 -37.35
N ALA D 43 -6.54 -0.71 -38.60
CA ALA D 43 -5.21 -0.55 -39.24
C ALA D 43 -4.43 0.60 -38.58
N SER D 44 -5.11 1.72 -38.41
CA SER D 44 -4.53 2.88 -37.70
C SER D 44 -4.26 2.65 -36.18
N CYS D 45 -5.22 2.03 -35.49
CA CYS D 45 -4.98 1.69 -34.07
C CYS D 45 -3.90 0.62 -33.88
N ALA D 46 -3.81 -0.40 -34.75
CA ALA D 46 -2.63 -1.34 -34.59
C ALA D 46 -1.26 -0.65 -34.71
N GLN D 47 -1.20 0.25 -35.68
CA GLN D 47 -0.03 1.05 -35.96
C GLN D 47 0.28 1.94 -34.76
N GLN D 48 -0.72 2.64 -34.23
CA GLN D 48 -0.50 3.47 -33.05
C GLN D 48 0.00 2.71 -31.81
N ALA D 49 -0.50 1.49 -31.58
CA ALA D 49 -0.07 0.67 -30.49
C ALA D 49 1.40 0.28 -30.66
N GLN D 50 1.73 0.07 -31.92
CA GLN D 50 3.13 -0.22 -32.23
C GLN D 50 4.04 1.02 -31.91
N ASN D 51 3.57 2.22 -32.27
CA ASN D 51 4.28 3.50 -32.01
C ASN D 51 4.52 3.76 -30.50
N VAL D 52 3.45 3.64 -29.72
CA VAL D 52 3.54 3.73 -28.26
C VAL D 52 4.56 2.71 -27.69
N GLN D 53 4.44 1.46 -28.09
CA GLN D 53 5.41 0.48 -27.63
C GLN D 53 6.82 0.89 -28.00
N SER D 54 6.98 1.41 -29.23
CA SER D 54 8.31 1.79 -29.78
C SER D 54 8.97 2.83 -28.87
N TYR D 55 8.20 3.87 -28.58
CA TYR D 55 8.57 4.94 -27.66
C TYR D 55 8.98 4.36 -26.31
N HIS D 56 8.16 3.49 -25.74
CA HIS D 56 8.44 2.96 -24.42
C HIS D 56 9.62 2.03 -24.38
N VAL D 57 9.76 1.18 -25.41
CA VAL D 57 10.84 0.20 -25.42
C VAL D 57 12.16 0.75 -25.94
N ARG D 58 12.18 1.28 -27.17
CA ARG D 58 13.41 1.86 -27.78
C ARG D 58 13.91 3.04 -26.94
N ASN D 59 13.15 4.12 -26.91
CA ASN D 59 13.55 5.39 -26.24
C ASN D 59 13.66 5.31 -24.73
N LEU D 60 12.59 4.86 -24.05
CA LEU D 60 12.62 4.76 -22.59
C LEU D 60 13.43 3.59 -22.04
N GLY D 61 13.83 2.66 -22.92
CA GLY D 61 14.53 1.45 -22.52
C GLY D 61 13.72 0.48 -21.68
N TRP D 62 12.39 0.57 -21.74
CA TRP D 62 11.51 -0.24 -20.91
C TRP D 62 11.31 -1.65 -21.48
N CYS D 63 10.97 -2.60 -20.60
CA CYS D 63 10.80 -4.01 -20.99
C CYS D 63 9.60 -4.29 -21.95
N ASP D 64 8.62 -3.39 -22.00
CA ASP D 64 7.47 -3.53 -22.89
C ASP D 64 6.72 -2.24 -22.86
N VAL D 65 5.70 -2.10 -23.68
CA VAL D 65 4.80 -0.97 -23.53
C VAL D 65 4.35 -0.90 -22.05
N GLY D 66 4.20 0.30 -21.51
CA GLY D 66 4.01 0.48 -20.09
C GLY D 66 2.61 0.09 -19.60
N TYR D 67 1.65 0.12 -20.50
CA TYR D 67 0.26 -0.07 -20.17
C TYR D 67 -0.13 -1.56 -20.21
N ASN D 68 -1.04 -1.97 -19.34
CA ASN D 68 -1.57 -3.33 -19.39
C ASN D 68 -2.45 -3.50 -20.63
N PHE D 69 -3.32 -2.52 -20.92
CA PHE D 69 -4.12 -2.51 -22.18
C PHE D 69 -4.25 -1.09 -22.72
N LEU D 70 -4.45 -0.98 -24.03
CA LEU D 70 -4.75 0.27 -24.71
C LEU D 70 -6.13 0.19 -25.37
N ILE D 71 -6.87 1.31 -25.38
CA ILE D 71 -8.22 1.41 -25.96
C ILE D 71 -8.22 2.28 -27.27
N GLY D 72 -8.59 1.66 -28.40
CA GLY D 72 -8.72 2.36 -29.64
C GLY D 72 -10.04 3.06 -29.75
N GLU D 73 -10.06 4.16 -30.52
CA GLU D 73 -11.33 4.75 -30.98
C GLU D 73 -12.01 3.97 -32.16
N ASP D 74 -11.29 3.01 -32.70
CA ASP D 74 -11.86 1.86 -33.47
C ASP D 74 -12.76 0.95 -32.61
N GLY D 75 -12.70 1.09 -31.27
CA GLY D 75 -13.63 0.39 -30.36
C GLY D 75 -13.15 -1.00 -29.98
N LEU D 76 -11.87 -1.23 -30.20
CA LEU D 76 -11.13 -2.41 -29.85
C LEU D 76 -10.13 -2.08 -28.74
N VAL D 77 -9.65 -3.14 -28.12
CA VAL D 77 -8.76 -3.12 -26.98
C VAL D 77 -7.56 -3.80 -27.49
N TYR D 78 -6.38 -3.25 -27.17
CA TYR D 78 -5.12 -3.73 -27.65
C TYR D 78 -4.40 -4.26 -26.43
N GLU D 79 -4.00 -5.53 -26.50
CA GLU D 79 -3.32 -6.20 -25.47
C GLU D 79 -1.94 -5.56 -25.22
N GLY D 80 -1.65 -5.20 -23.97
CA GLY D 80 -0.39 -4.59 -23.60
C GLY D 80 0.28 -5.62 -22.76
N ARG D 81 0.69 -5.22 -21.55
CA ARG D 81 1.31 -6.17 -20.63
C ARG D 81 0.32 -7.20 -20.12
N GLY D 82 -0.96 -6.87 -20.24
CA GLY D 82 -2.03 -7.81 -19.94
C GLY D 82 -2.42 -7.83 -18.46
N TRP D 83 -3.15 -8.88 -18.09
CA TRP D 83 -3.71 -9.04 -16.72
C TRP D 83 -2.71 -9.42 -15.65
N ASN D 84 -1.62 -10.05 -16.05
CA ASN D 84 -0.73 -10.74 -15.10
C ASN D 84 0.59 -10.07 -14.85
N ILE D 85 0.99 -9.14 -15.73
CA ILE D 85 2.32 -8.53 -15.66
C ILE D 85 2.22 -7.08 -15.17
N LYS D 86 3.10 -6.72 -14.23
CA LYS D 86 3.11 -5.39 -13.64
C LYS D 86 3.40 -4.41 -14.75
N GLY D 87 2.58 -3.36 -14.82
CA GLY D 87 2.80 -2.30 -15.77
C GLY D 87 3.81 -1.26 -15.31
N ALA D 88 4.03 -0.29 -16.18
CA ALA D 88 4.82 0.89 -15.90
C ALA D 88 4.02 2.10 -16.38
N HIS D 89 3.06 2.54 -15.58
CA HIS D 89 2.08 3.56 -16.02
C HIS D 89 1.63 4.53 -14.97
N ALA D 90 1.84 4.20 -13.70
CA ALA D 90 1.38 5.04 -12.60
C ALA D 90 2.37 5.17 -11.40
N GLY D 91 3.63 4.79 -11.59
CA GLY D 91 4.67 5.00 -10.58
C GLY D 91 4.80 3.82 -9.63
N PRO D 92 5.86 3.82 -8.78
CA PRO D 92 6.20 2.62 -7.93
C PRO D 92 5.18 2.22 -6.89
N THR D 93 4.38 3.17 -6.41
CA THR D 93 3.25 2.88 -5.49
C THR D 93 2.14 2.08 -6.17
N TRP D 94 1.64 2.59 -7.29
CA TRP D 94 0.43 2.05 -7.94
C TRP D 94 0.68 0.93 -8.96
N ASN D 95 1.85 0.88 -9.57
CA ASN D 95 2.14 -0.10 -10.60
C ASN D 95 1.94 -1.56 -10.14
N PRO D 96 2.48 -1.92 -8.93
CA PRO D 96 2.37 -3.34 -8.45
C PRO D 96 0.98 -3.77 -8.01
N ILE D 97 0.07 -2.83 -7.85
CA ILE D 97 -1.26 -3.14 -7.34
C ILE D 97 -2.42 -2.76 -8.28
N SER D 98 -2.10 -2.49 -9.55
CA SER D 98 -3.09 -2.01 -10.51
C SER D 98 -2.87 -2.53 -11.92
N ILE D 99 -3.93 -2.34 -12.70
CA ILE D 99 -3.99 -2.52 -14.15
C ILE D 99 -4.13 -1.08 -14.68
N GLY D 100 -3.21 -0.68 -15.54
CA GLY D 100 -3.27 0.60 -16.25
C GLY D 100 -3.80 0.41 -17.65
N ILE D 101 -4.95 1.02 -17.89
CA ILE D 101 -5.48 1.14 -19.23
C ILE D 101 -5.32 2.58 -19.75
N SER D 102 -4.87 2.69 -21.00
CA SER D 102 -4.64 3.94 -21.69
C SER D 102 -5.47 4.00 -22.97
N PHE D 103 -6.33 5.01 -23.03
CA PHE D 103 -6.97 5.37 -24.27
C PHE D 103 -5.96 6.07 -25.18
N MET D 104 -5.87 5.59 -26.41
CA MET D 104 -5.01 6.10 -27.45
C MET D 104 -5.57 7.37 -28.05
N GLY D 105 -5.07 8.48 -27.51
CA GLY D 105 -5.51 9.82 -27.89
C GLY D 105 -5.23 10.86 -26.82
N ASN D 106 -5.78 12.06 -27.02
CA ASN D 106 -5.69 13.15 -26.07
C ASN D 106 -7.05 13.67 -25.83
N TYR D 107 -7.50 13.56 -24.59
CA TYR D 107 -8.90 13.82 -24.25
C TYR D 107 -9.00 15.04 -23.34
N MET D 108 -8.05 15.99 -23.50
CA MET D 108 -8.15 17.31 -22.83
C MET D 108 -9.41 18.03 -23.31
N ASN D 109 -9.61 18.05 -24.62
CA ASN D 109 -10.77 18.79 -25.27
C ASN D 109 -11.74 17.94 -26.11
N ARG D 110 -11.63 16.63 -25.99
CA ARG D 110 -12.32 15.67 -26.84
C ARG D 110 -12.75 14.50 -25.92
N VAL D 111 -13.92 13.91 -26.14
CA VAL D 111 -14.29 12.67 -25.45
C VAL D 111 -13.92 11.53 -26.40
N PRO D 112 -13.55 10.35 -25.85
CA PRO D 112 -13.54 9.17 -26.70
C PRO D 112 -14.96 8.83 -27.17
N PRO D 113 -15.07 8.22 -28.34
CA PRO D 113 -16.41 7.86 -28.85
C PRO D 113 -17.03 6.73 -28.03
N PRO D 114 -18.38 6.59 -28.08
CA PRO D 114 -19.05 5.57 -27.27
C PRO D 114 -18.44 4.18 -27.31
N ARG D 115 -18.00 3.75 -28.49
CA ARG D 115 -17.42 2.42 -28.65
C ARG D 115 -16.09 2.25 -27.96
N ALA D 116 -15.37 3.35 -27.77
CA ALA D 116 -14.13 3.28 -26.96
C ALA D 116 -14.46 3.07 -25.46
N LEU D 117 -15.45 3.78 -24.96
CA LEU D 117 -15.92 3.67 -23.61
C LEU D 117 -16.54 2.28 -23.36
N ARG D 118 -17.32 1.78 -24.32
CA ARG D 118 -17.87 0.43 -24.21
C ARG D 118 -16.73 -0.57 -24.15
N ALA D 119 -15.75 -0.40 -24.99
CA ALA D 119 -14.64 -1.33 -25.03
C ALA D 119 -13.89 -1.36 -23.70
N ALA D 120 -13.67 -0.19 -23.10
CA ALA D 120 -13.05 -0.10 -21.76
C ALA D 120 -13.87 -0.73 -20.64
N GLN D 121 -15.16 -0.47 -20.62
CA GLN D 121 -16.01 -0.99 -19.58
C GLN D 121 -16.21 -2.52 -19.66
N ASN D 122 -16.29 -3.02 -20.88
CA ASN D 122 -16.39 -4.44 -21.17
C ASN D 122 -15.06 -5.10 -20.86
N LEU D 123 -13.95 -4.42 -21.07
CA LEU D 123 -12.66 -4.99 -20.67
C LEU D 123 -12.64 -5.25 -19.15
N LEU D 124 -13.06 -4.27 -18.39
CA LEU D 124 -13.10 -4.36 -16.96
C LEU D 124 -14.05 -5.46 -16.48
N ALA D 125 -15.26 -5.50 -17.01
CA ALA D 125 -16.18 -6.62 -16.74
C ALA D 125 -15.51 -7.97 -16.96
N CYS D 126 -14.83 -8.11 -18.09
CA CYS D 126 -13.99 -9.25 -18.40
C CYS D 126 -13.03 -9.63 -17.27
N GLY D 127 -12.27 -8.65 -16.82
CA GLY D 127 -11.26 -8.81 -15.78
C GLY D 127 -11.91 -9.35 -14.52
N VAL D 128 -13.07 -8.81 -14.19
CA VAL D 128 -13.82 -9.32 -13.02
C VAL D 128 -14.16 -10.79 -13.29
N ALA D 129 -14.78 -11.07 -14.43
CA ALA D 129 -15.16 -12.41 -14.82
C ALA D 129 -14.04 -13.40 -14.76
N LEU D 130 -12.82 -13.00 -15.11
CA LEU D 130 -11.68 -13.94 -15.08
C LEU D 130 -11.07 -14.11 -13.70
N GLY D 131 -11.53 -13.32 -12.74
CA GLY D 131 -10.80 -13.18 -11.47
C GLY D 131 -9.53 -12.36 -11.49
N ALA D 132 -9.20 -11.75 -12.63
CA ALA D 132 -8.06 -10.85 -12.71
C ALA D 132 -8.26 -9.58 -11.93
N LEU D 133 -9.48 -9.10 -11.81
CA LEU D 133 -9.75 -7.87 -11.03
C LEU D 133 -10.74 -8.21 -9.91
N ARG D 134 -10.62 -7.57 -8.74
CA ARG D 134 -11.63 -7.78 -7.67
C ARG D 134 -12.94 -7.29 -8.19
N SER D 135 -14.01 -8.00 -7.84
CA SER D 135 -15.37 -7.56 -8.19
C SER D 135 -15.69 -6.16 -7.68
N ASN D 136 -15.13 -5.76 -6.54
CA ASN D 136 -15.23 -4.38 -6.07
C ASN D 136 -13.95 -3.57 -6.36
N TYR D 137 -13.36 -3.75 -7.54
CA TYR D 137 -12.17 -2.94 -7.96
C TYR D 137 -12.45 -1.46 -7.98
N GLU D 138 -11.41 -0.64 -7.96
CA GLU D 138 -11.55 0.80 -7.89
C GLU D 138 -10.82 1.45 -9.07
N VAL D 139 -11.47 2.39 -9.71
CA VAL D 139 -10.88 3.05 -10.86
C VAL D 139 -10.35 4.39 -10.38
N LYS D 140 -9.15 4.75 -10.82
CA LYS D 140 -8.60 6.07 -10.55
C LYS D 140 -8.30 6.71 -11.86
N GLY D 141 -8.33 8.03 -11.86
CA GLY D 141 -7.68 8.77 -12.93
C GLY D 141 -6.18 8.72 -12.73
N HIS D 142 -5.38 8.71 -13.81
CA HIS D 142 -3.94 8.89 -13.74
C HIS D 142 -3.59 10.10 -12.83
N ARG D 143 -4.19 11.27 -13.08
CA ARG D 143 -3.94 12.47 -12.27
C ARG D 143 -4.33 12.39 -10.79
N ASP D 144 -5.06 11.35 -10.40
CA ASP D 144 -5.41 11.12 -9.03
C ASP D 144 -4.24 10.44 -8.29
N VAL D 145 -3.28 9.90 -9.04
CA VAL D 145 -2.15 9.16 -8.45
C VAL D 145 -0.78 9.63 -8.87
N GLN D 146 -0.69 10.47 -9.89
CA GLN D 146 0.60 10.99 -10.38
C GLN D 146 0.31 12.36 -10.87
N PRO D 147 1.31 13.24 -10.86
CA PRO D 147 1.15 14.60 -11.33
C PRO D 147 1.14 14.60 -12.85
N THR D 148 -0.01 14.88 -13.45
CA THR D 148 -0.22 14.74 -14.89
C THR D 148 -1.61 15.24 -15.20
N LEU D 149 -1.81 15.61 -16.43
CA LEU D 149 -3.13 15.95 -16.94
C LEU D 149 -3.91 14.71 -17.34
N SER D 150 -3.19 13.62 -17.60
CA SER D 150 -3.79 12.35 -17.95
C SER D 150 -4.86 11.97 -16.93
N PRO D 151 -6.04 11.50 -17.37
CA PRO D 151 -6.40 11.06 -18.75
C PRO D 151 -7.11 12.12 -19.62
N GLY D 152 -6.98 13.39 -19.27
CA GLY D 152 -7.53 14.49 -20.07
C GLY D 152 -8.85 14.89 -19.45
N ASP D 153 -9.08 16.19 -19.32
CA ASP D 153 -10.30 16.69 -18.66
C ASP D 153 -11.60 15.99 -19.05
N ARG D 154 -11.81 15.74 -20.33
CA ARG D 154 -13.12 15.20 -20.76
C ARG D 154 -13.31 13.75 -20.32
N LEU D 155 -12.30 12.93 -20.57
CA LEU D 155 -12.27 11.57 -20.08
C LEU D 155 -12.27 11.50 -18.55
N TYR D 156 -11.46 12.34 -17.91
CA TYR D 156 -11.41 12.35 -16.46
C TYR D 156 -12.79 12.56 -15.87
N GLU D 157 -13.52 13.48 -16.50
CA GLU D 157 -14.88 13.79 -16.11
C GLU D 157 -15.83 12.58 -16.29
N ILE D 158 -15.68 11.84 -17.38
CA ILE D 158 -16.49 10.66 -17.62
C ILE D 158 -16.21 9.55 -16.62
N ILE D 159 -14.92 9.23 -16.40
CA ILE D 159 -14.58 8.12 -15.48
C ILE D 159 -15.05 8.36 -14.08
N GLN D 160 -15.14 9.62 -13.70
CA GLN D 160 -15.68 9.98 -12.39
C GLN D 160 -17.13 9.58 -12.20
N THR D 161 -17.90 9.44 -13.29
CA THR D 161 -19.29 8.94 -13.16
C THR D 161 -19.40 7.43 -12.95
N TRP D 162 -18.36 6.70 -13.32
CA TRP D 162 -18.35 5.22 -13.29
C TRP D 162 -18.63 4.60 -11.93
N SER D 163 -19.44 3.54 -11.99
CA SER D 163 -19.73 2.65 -10.88
C SER D 163 -18.56 2.43 -9.92
N HIS D 164 -17.39 2.07 -10.46
CA HIS D 164 -16.22 1.73 -9.67
C HIS D 164 -15.24 2.87 -9.41
N TYR D 165 -15.51 4.08 -9.90
CA TYR D 165 -14.62 5.18 -9.57
C TYR D 165 -14.57 5.47 -8.06
N ARG D 166 -13.35 5.69 -7.57
CA ARG D 166 -13.06 6.04 -6.17
C ARG D 166 -11.87 7.02 -6.17
N ALA D 167 -12.13 8.27 -5.77
CA ALA D 167 -11.20 9.42 -5.98
C ALA D 167 -9.92 9.31 -5.15
C1 EDO E . -2.08 0.08 2.63
O1 EDO E . -2.58 1.38 2.32
C2 EDO E . -1.81 -0.73 1.36
O2 EDO E . -1.45 -2.09 1.63
C API F . -7.78 -4.66 7.17
CA API F . -7.91 -5.66 6.04
C3 API F . -6.54 -5.91 5.40
C4 API F . -6.44 -7.32 4.81
C5 API F . -6.19 -7.39 3.31
C6 API F . -7.47 -7.72 2.56
C7 API F . -7.22 -8.72 1.45
O API F . -7.74 -5.10 8.33
OXT API F . -7.70 -3.43 6.93
O3 API F . -7.85 -9.80 1.47
O4 API F . -6.39 -8.43 0.55
N API F . -8.82 -5.23 4.98
N6 API F . -8.00 -6.50 2.02
C1 GOL G . 0.29 8.25 -19.77
O1 GOL G . 1.38 7.33 -19.88
C2 GOL G . 0.77 9.73 -19.83
O2 GOL G . 2.08 9.89 -19.27
C3 GOL G . 0.74 10.20 -21.29
O3 GOL G . 1.55 11.36 -21.54
O1 TLA H . -0.54 13.05 -20.50
O11 TLA H . -1.75 14.85 -20.67
C1 TLA H . -0.61 14.30 -20.66
C2 TLA H . 0.67 15.16 -20.71
O2 TLA H . 1.86 14.42 -20.42
C3 TLA H . 0.57 16.28 -19.66
O3 TLA H . 0.32 15.77 -18.34
C4 TLA H . 1.80 17.17 -19.66
O4 TLA H . 2.52 17.18 -18.64
O41 TLA H . 2.02 17.86 -20.68
O5 RIB I . -1.71 6.23 -1.85
C5 RIB I . -2.22 5.16 -1.06
C4 RIB I . -2.22 3.79 -1.73
O4 RIB I . -0.95 3.10 -1.62
C3 RIB I . -3.27 2.88 -1.09
O3 RIB I . -4.53 2.92 -1.78
C2 RIB I . -2.61 1.52 -1.03
O2 RIB I . -3.01 0.68 -2.09
C1 RIB I . -1.11 1.80 -1.07
O1 RIB I . -0.37 0.83 -1.81
#